data_7YVY
#
_entry.id   7YVY
#
_cell.length_a   133.246
_cell.length_b   113.482
_cell.length_c   107.533
_cell.angle_alpha   90.000
_cell.angle_beta   123.030
_cell.angle_gamma   90.000
#
_symmetry.space_group_name_H-M   'C 1 2 1'
#
_entity_poly.entity_id   1
_entity_poly.type   'polypeptide(L)'
_entity_poly.pdbx_seq_one_letter_code
;MRKAIIVGVGMTPVGEHWRSSLRDLAVEAILNAMDDAGIDKVDSLYVGNMASGSFVEQENLGALIADWAGLGNIPAVKIE
AACASGGAAVQEGAKAVLSGLEDVVLVVGVEKMTDAWPSDATRYLGYAADAEWELFHGASFVALNALIMRLYMNTYGYKE
EDLALFAVNAHANGAKNPYAMFKKPITVETVMKSPYIADPLKLFDASPVCDGAAAVIITTPEKAKELGIPKDKWIEIAGM
GRAIDTINLANREDFLTLKAATIAAERAYKMAGVKPEDVDFFEVHDAFTVMAALSLEALGVAKKGEGAKLAIEGQIAIDG
DYPIQTMGGLKARGHPVGATGVYQVVEAVLQLRGEAPDGIQVPDAEVGLTQNIGGTGSNITVTVLRRV
;
_entity_poly.pdbx_strand_id   A,B,C
#
# COMPACT_ATOMS: atom_id res chain seq x y z
N MET A 1 11.37 -20.67 50.55
CA MET A 1 11.39 -21.87 49.70
C MET A 1 10.05 -22.07 48.99
N ARG A 2 9.37 -20.98 48.64
CA ARG A 2 8.10 -21.06 47.93
C ARG A 2 8.35 -21.21 46.43
N LYS A 3 7.27 -21.40 45.67
CA LYS A 3 7.31 -21.49 44.21
C LYS A 3 6.19 -20.64 43.63
N ALA A 4 6.38 -20.17 42.40
CA ALA A 4 5.43 -19.29 41.75
C ALA A 4 4.86 -19.93 40.49
N ILE A 5 3.53 -19.98 40.40
CA ILE A 5 2.85 -20.61 39.27
C ILE A 5 1.77 -19.66 38.77
N ILE A 6 1.61 -19.61 37.45
CA ILE A 6 0.49 -18.91 36.84
C ILE A 6 -0.66 -19.90 36.71
N VAL A 7 -1.84 -19.51 37.19
CA VAL A 7 -3.01 -20.38 37.15
C VAL A 7 -4.12 -19.85 36.26
N GLY A 8 -4.05 -18.60 35.82
CA GLY A 8 -5.04 -18.05 34.92
C GLY A 8 -4.47 -17.02 33.96
N VAL A 9 -4.89 -17.05 32.70
CA VAL A 9 -4.45 -16.09 31.71
C VAL A 9 -5.66 -15.65 30.90
N GLY A 10 -5.63 -14.41 30.43
CA GLY A 10 -6.73 -13.89 29.64
C GLY A 10 -6.25 -12.74 28.78
N MET A 11 -6.94 -12.51 27.68
CA MET A 11 -6.49 -11.44 26.80
C MET A 11 -7.63 -11.02 25.89
N THR A 12 -7.49 -9.83 25.35
CA THR A 12 -8.34 -9.27 24.32
C THR A 12 -7.68 -9.41 22.95
N PRO A 13 -8.44 -9.38 21.88
CA PRO A 13 -7.82 -9.27 20.56
C PRO A 13 -7.00 -7.99 20.48
N VAL A 14 -5.86 -8.09 19.83
CA VAL A 14 -5.03 -6.94 19.54
C VAL A 14 -5.53 -6.30 18.26
N GLY A 15 -5.72 -4.99 18.27
CA GLY A 15 -6.11 -4.33 17.04
C GLY A 15 -6.32 -2.84 17.26
N GLU A 16 -6.95 -2.22 16.27
CA GLU A 16 -7.37 -0.83 16.35
C GLU A 16 -8.79 -0.82 16.90
N HIS A 17 -8.90 -0.70 18.23
CA HIS A 17 -10.21 -0.72 18.90
C HIS A 17 -10.65 0.73 19.12
N TRP A 18 -11.16 1.34 18.04
CA TRP A 18 -11.50 2.76 18.11
C TRP A 18 -12.65 3.01 19.06
N ARG A 19 -13.63 2.12 19.08
CA ARG A 19 -14.83 2.27 19.89
C ARG A 19 -14.67 1.74 21.31
N SER A 20 -13.54 1.11 21.62
CA SER A 20 -13.30 0.57 22.95
C SER A 20 -12.50 1.54 23.78
N SER A 21 -12.63 1.41 25.10
CA SER A 21 -11.90 2.23 26.06
C SER A 21 -10.84 1.38 26.75
N LEU A 22 -9.92 2.07 27.44
CA LEU A 22 -8.92 1.37 28.24
C LEU A 22 -9.61 0.45 29.25
N ARG A 23 -10.69 0.93 29.86
CA ARG A 23 -11.45 0.13 30.80
C ARG A 23 -11.93 -1.17 30.16
N ASP A 24 -12.73 -1.07 29.10
CA ASP A 24 -13.32 -2.26 28.47
C ASP A 24 -12.27 -3.33 28.20
N LEU A 25 -11.13 -2.93 27.62
CA LEU A 25 -10.06 -3.87 27.33
C LEU A 25 -9.48 -4.48 28.60
N ALA A 26 -9.13 -3.62 29.57
CA ALA A 26 -8.54 -4.12 30.81
C ALA A 26 -9.47 -5.12 31.48
N VAL A 27 -10.69 -4.68 31.81
CA VAL A 27 -11.63 -5.55 32.50
C VAL A 27 -11.91 -6.82 31.71
N GLU A 28 -11.94 -6.74 30.37
CA GLU A 28 -12.13 -7.95 29.59
C GLU A 28 -11.02 -8.95 29.87
N ALA A 29 -9.77 -8.50 29.77
CA ALA A 29 -8.67 -9.42 30.01
C ALA A 29 -8.70 -9.95 31.43
N ILE A 30 -8.99 -9.08 32.41
CA ILE A 30 -9.01 -9.50 33.81
C ILE A 30 -10.08 -10.57 34.03
N LEU A 31 -11.32 -10.28 33.62
CA LEU A 31 -12.41 -11.23 33.84
C LEU A 31 -12.16 -12.55 33.12
N ASN A 32 -11.68 -12.48 31.88
CA ASN A 32 -11.40 -13.69 31.12
C ASN A 32 -10.20 -14.45 31.68
N ALA A 33 -9.41 -13.82 32.56
CA ALA A 33 -8.34 -14.52 33.26
C ALA A 33 -8.76 -15.05 34.62
N MET A 34 -9.72 -14.40 35.28
CA MET A 34 -10.21 -14.89 36.56
C MET A 34 -11.18 -16.06 36.40
N ASP A 35 -11.68 -16.28 35.17
CA ASP A 35 -12.49 -17.46 34.89
C ASP A 35 -11.64 -18.62 34.43
N ASP A 36 -10.54 -18.34 33.73
CA ASP A 36 -9.62 -19.40 33.35
C ASP A 36 -9.05 -20.10 34.58
N ALA A 37 -8.98 -19.39 35.71
CA ALA A 37 -8.63 -20.01 36.98
C ALA A 37 -9.84 -20.35 37.83
N GLY A 38 -11.02 -19.87 37.47
CA GLY A 38 -12.21 -20.06 38.28
C GLY A 38 -12.16 -19.30 39.59
N ILE A 39 -11.65 -18.07 39.57
CA ILE A 39 -11.36 -17.29 40.75
C ILE A 39 -12.35 -16.13 40.86
N ASP A 40 -12.72 -15.80 42.09
CA ASP A 40 -13.63 -14.68 42.37
C ASP A 40 -12.93 -13.42 42.87
N LYS A 41 -11.76 -13.54 43.51
CA LYS A 41 -11.13 -12.39 44.14
C LYS A 41 -9.62 -12.52 44.05
N VAL A 42 -8.94 -11.39 43.92
CA VAL A 42 -7.49 -11.33 43.94
C VAL A 42 -7.04 -10.57 45.18
N ASP A 43 -5.76 -10.74 45.54
CA ASP A 43 -5.21 -10.08 46.71
C ASP A 43 -4.48 -8.78 46.40
N SER A 44 -3.96 -8.62 45.19
CA SER A 44 -3.23 -7.40 44.83
C SER A 44 -3.10 -7.33 43.32
N LEU A 45 -2.89 -6.11 42.82
CA LEU A 45 -2.95 -5.81 41.40
C LEU A 45 -1.74 -5.01 40.95
N TYR A 46 -1.07 -5.49 39.90
CA TYR A 46 0.08 -4.82 39.30
C TYR A 46 -0.23 -4.50 37.85
N VAL A 47 0.04 -3.26 37.42
CA VAL A 47 -0.43 -2.74 36.14
C VAL A 47 0.75 -2.30 35.28
N GLY A 48 0.66 -2.62 33.98
CA GLY A 48 1.63 -2.20 32.98
C GLY A 48 1.00 -1.35 31.87
N ASN A 49 1.55 -0.15 31.70
CA ASN A 49 1.08 0.82 30.72
C ASN A 49 2.18 1.84 30.49
N MET A 50 2.45 2.13 29.22
CA MET A 50 3.44 3.12 28.82
C MET A 50 2.80 4.20 27.97
N ALA A 51 1.55 4.55 28.29
CA ALA A 51 0.77 5.61 27.63
C ALA A 51 0.97 5.71 26.11
N GLY A 53 -2.47 5.48 25.82
CA GLY A 53 -3.71 6.00 26.37
C GLY A 53 -3.52 6.74 27.68
N SER A 54 -3.87 8.02 27.72
CA SER A 54 -3.66 8.81 28.92
C SER A 54 -4.66 9.97 28.93
N PHE A 55 -5.66 9.88 29.80
CA PHE A 55 -6.40 11.06 30.23
C PHE A 55 -5.72 11.74 31.41
N VAL A 56 -4.49 11.33 31.74
CA VAL A 56 -3.72 11.79 32.89
C VAL A 56 -4.43 11.38 34.17
N GLU A 57 -5.74 11.64 34.25
CA GLU A 57 -6.57 10.96 35.24
C GLU A 57 -6.40 9.44 35.13
N GLN A 58 -6.03 8.96 33.94
CA GLN A 58 -5.55 7.59 33.74
C GLN A 58 -4.04 7.50 33.91
N GLU A 59 -3.55 8.08 35.02
CA GLU A 59 -2.23 7.80 35.56
C GLU A 59 -2.30 7.26 36.97
N ASN A 60 -3.47 7.27 37.61
CA ASN A 60 -3.78 6.46 38.78
C ASN A 60 -4.44 5.15 38.34
N LEU A 61 -3.72 4.40 37.50
CA LEU A 61 -4.33 3.32 36.75
C LEU A 61 -4.70 2.14 37.65
N GLY A 62 -3.90 1.86 38.68
CA GLY A 62 -4.19 0.71 39.53
C GLY A 62 -5.51 0.83 40.26
N ALA A 63 -5.78 2.01 40.83
CA ALA A 63 -7.02 2.18 41.57
C ALA A 63 -8.22 2.19 40.63
N LEU A 64 -8.09 2.86 39.48
CA LEU A 64 -9.13 2.80 38.46
C LEU A 64 -9.46 1.35 38.10
N ILE A 65 -8.45 0.58 37.70
CA ILE A 65 -8.70 -0.78 37.23
C ILE A 65 -9.31 -1.61 38.35
N ALA A 66 -8.82 -1.45 39.58
CA ALA A 66 -9.39 -2.21 40.69
C ALA A 66 -10.87 -1.86 40.89
N ASP A 67 -11.22 -0.59 40.74
CA ASP A 67 -12.63 -0.20 40.79
C ASP A 67 -13.41 -0.78 39.63
N TRP A 68 -12.86 -0.67 38.43
CA TRP A 68 -13.58 -1.07 37.21
C TRP A 68 -13.84 -2.57 37.19
N ALA A 69 -12.90 -3.36 37.69
CA ALA A 69 -13.00 -4.81 37.69
C ALA A 69 -13.59 -5.35 38.99
N GLY A 70 -13.98 -4.48 39.92
CA GLY A 70 -14.66 -4.92 41.13
C GLY A 70 -13.81 -5.78 42.03
N LEU A 71 -12.54 -5.40 42.23
CA LEU A 71 -11.66 -6.21 43.05
C LEU A 71 -11.70 -5.83 44.53
N GLY A 72 -12.09 -4.60 44.86
CA GLY A 72 -12.18 -4.18 46.24
C GLY A 72 -11.09 -3.20 46.62
N ASN A 73 -11.01 -2.91 47.91
CA ASN A 73 -9.97 -2.01 48.45
C ASN A 73 -8.66 -2.78 48.65
N ILE A 74 -8.16 -3.32 47.54
CA ILE A 74 -6.96 -4.13 47.52
C ILE A 74 -5.73 -3.26 47.23
N PRO A 75 -4.52 -3.73 47.54
CA PRO A 75 -3.33 -3.00 47.08
C PRO A 75 -3.21 -3.07 45.56
N ALA A 76 -2.78 -1.96 44.97
CA ALA A 76 -2.57 -1.91 43.53
C ALA A 76 -1.49 -0.89 43.23
N VAL A 77 -0.62 -1.19 42.27
CA VAL A 77 0.40 -0.26 41.80
C VAL A 77 0.65 -0.45 40.32
N LYS A 78 1.29 0.55 39.74
CA LYS A 78 1.68 0.55 38.33
C LYS A 78 3.18 0.33 38.24
N ILE A 79 3.58 -0.65 37.43
CA ILE A 79 4.98 -0.95 37.16
C ILE A 79 5.30 -0.38 35.78
N GLU A 80 6.41 0.35 35.67
CA GLU A 80 6.79 0.87 34.36
C GLU A 80 8.29 0.84 34.21
N ALA A 81 8.73 0.19 33.13
CA ALA A 81 10.10 0.06 32.66
C ALA A 81 10.15 0.37 31.18
N ALA A 82 9.53 1.49 30.80
CA ALA A 82 9.29 1.89 29.41
C ALA A 82 8.58 0.74 28.71
N CYS A 83 8.97 0.38 27.48
CA CYS A 83 8.22 -0.65 26.74
C CYS A 83 8.33 -2.02 27.36
N ALA A 84 8.99 -2.16 28.51
CA ALA A 84 9.08 -3.44 29.21
C ALA A 84 8.23 -3.50 30.46
N SER A 85 7.40 -2.47 30.70
CA SER A 85 6.55 -2.45 31.90
C SER A 85 5.76 -3.73 32.06
N GLY A 86 5.08 -4.18 30.99
CA GLY A 86 4.35 -5.43 31.03
C GLY A 86 5.24 -6.56 31.48
N GLY A 87 6.36 -6.74 30.76
CA GLY A 87 7.32 -7.75 31.17
C GLY A 87 7.76 -7.61 32.61
N ALA A 88 7.91 -6.36 33.08
CA ALA A 88 8.36 -6.15 34.45
C ALA A 88 7.22 -6.36 35.45
N ALA A 89 5.98 -5.98 35.08
CA ALA A 89 4.89 -6.09 36.04
C ALA A 89 4.66 -7.54 36.44
N VAL A 90 4.64 -8.45 35.46
CA VAL A 90 4.58 -9.87 35.78
C VAL A 90 5.67 -10.23 36.77
N GLN A 91 6.91 -9.82 36.49
CA GLN A 91 7.99 -10.15 37.41
C GLN A 91 7.69 -9.60 38.80
N GLU A 92 7.29 -8.34 38.89
CA GLU A 92 7.01 -7.79 40.20
C GLU A 92 5.87 -8.57 40.84
N GLY A 93 4.86 -8.91 40.03
CA GLY A 93 3.74 -9.69 40.54
C GLY A 93 4.19 -10.99 41.17
N ALA A 94 5.05 -11.74 40.48
CA ALA A 94 5.51 -12.98 41.07
C ALA A 94 6.25 -12.72 42.38
N LYS A 95 7.12 -11.69 42.43
CA LYS A 95 7.82 -11.43 43.68
C LYS A 95 6.83 -11.25 44.82
N ALA A 96 5.70 -10.61 44.56
CA ALA A 96 4.72 -10.42 45.63
C ALA A 96 4.33 -11.76 46.24
N VAL A 97 3.91 -12.72 45.39
CA VAL A 97 3.56 -14.02 45.94
C VAL A 97 4.78 -14.67 46.55
N LEU A 98 5.95 -14.55 45.88
CA LEU A 98 7.15 -15.18 46.43
C LEU A 98 7.55 -14.54 47.75
N SER A 99 7.17 -13.28 47.97
CA SER A 99 7.51 -12.62 49.24
C SER A 99 6.81 -13.31 50.41
N GLY A 100 5.59 -13.78 50.19
CA GLY A 100 4.78 -14.32 51.25
C GLY A 100 3.78 -13.35 51.83
N LEU A 101 3.61 -12.19 51.21
CA LEU A 101 2.70 -11.18 51.71
C LEU A 101 1.34 -11.19 51.03
N GLU A 102 1.24 -11.80 49.86
CA GLU A 102 -0.01 -11.86 49.11
C GLU A 102 -0.07 -13.20 48.41
N ASP A 103 -1.25 -13.83 48.40
CA ASP A 103 -1.37 -15.19 47.91
C ASP A 103 -1.95 -15.31 46.50
N VAL A 104 -2.77 -14.37 46.05
CA VAL A 104 -3.26 -14.36 44.67
C VAL A 104 -2.99 -12.97 44.10
N VAL A 105 -2.19 -12.90 43.04
CA VAL A 105 -1.73 -11.64 42.47
C VAL A 105 -2.19 -11.56 41.02
N LEU A 106 -2.80 -10.43 40.66
CA LEU A 106 -3.23 -10.17 39.29
C LEU A 106 -2.28 -9.19 38.64
N VAL A 107 -1.85 -9.49 37.41
CA VAL A 107 -1.03 -8.59 36.62
C VAL A 107 -1.79 -8.31 35.34
N VAL A 108 -2.05 -7.03 35.06
CA VAL A 108 -2.73 -6.63 33.83
C VAL A 108 -1.86 -5.65 33.07
N GLY A 109 -1.64 -5.92 31.79
CA GLY A 109 -1.04 -4.96 30.86
C GLY A 109 -2.16 -4.46 29.97
N VAL A 110 -2.14 -3.17 29.66
CA VAL A 110 -3.19 -2.59 28.84
C VAL A 110 -2.64 -1.38 28.09
N GLU A 111 -3.02 -1.26 26.82
CA GLU A 111 -2.59 -0.15 25.98
C GLU A 111 -3.64 0.15 24.94
N LYS A 112 -4.02 1.42 24.83
CA LYS A 112 -4.88 1.93 23.77
C LYS A 112 -4.17 3.12 23.15
N MET A 113 -3.55 2.90 22.00
CA MET A 113 -2.79 3.93 21.31
C MET A 113 -3.56 4.54 20.16
N THR A 114 -4.67 3.91 19.75
CA THR A 114 -5.65 4.55 18.90
C THR A 114 -6.49 5.51 19.74
N ASP A 115 -5.79 6.52 20.27
CA ASP A 115 -6.44 7.55 21.08
C ASP A 115 -7.70 8.06 20.39
N ALA A 116 -8.77 8.19 21.16
CA ALA A 116 -10.06 8.57 20.61
C ALA A 116 -10.89 9.35 21.61
N PHE A 136 8.91 12.36 16.95
CA PHE A 136 10.02 12.90 17.74
C PHE A 136 10.75 11.79 18.48
N HIS A 137 9.98 10.86 19.06
CA HIS A 137 10.55 9.69 19.72
C HIS A 137 10.10 8.39 19.09
N GLY A 138 9.32 8.45 18.01
CA GLY A 138 9.03 7.28 17.19
C GLY A 138 9.86 7.36 15.93
N ALA A 139 9.98 8.56 15.37
CA ALA A 139 10.81 8.75 14.18
C ALA A 139 12.27 8.49 14.50
N SER A 140 12.78 9.08 15.58
CA SER A 140 14.16 8.86 15.98
C SER A 140 14.42 7.39 16.29
N PHE A 141 13.48 6.73 16.99
CA PHE A 141 13.64 5.31 17.28
C PHE A 141 13.68 4.49 15.99
N VAL A 142 12.85 4.84 15.00
CA VAL A 142 12.86 4.11 13.73
C VAL A 142 14.19 4.29 13.03
N ALA A 143 14.66 5.54 12.93
CA ALA A 143 15.94 5.81 12.29
C ALA A 143 17.09 5.09 13.00
N LEU A 144 17.01 4.97 14.32
CA LEU A 144 18.08 4.26 15.03
C LEU A 144 18.05 2.77 14.72
N ASN A 145 16.87 2.13 14.87
CA ASN A 145 16.74 0.74 14.44
C ASN A 145 17.20 0.54 13.00
N ALA A 146 17.02 1.54 12.14
CA ALA A 146 17.42 1.40 10.74
C ALA A 146 18.93 1.48 10.56
N LEU A 147 19.59 2.40 11.26
CA LEU A 147 21.05 2.40 11.24
C LEU A 147 21.59 1.07 11.74
N ILE A 148 20.96 0.52 12.79
CA ILE A 148 21.28 -0.81 13.28
C ILE A 148 21.06 -1.87 12.18
N MET A 149 20.01 -1.71 11.37
CA MET A 149 19.74 -2.68 10.32
C MET A 149 20.85 -2.68 9.26
N ARG A 150 21.27 -1.48 8.84
CA ARG A 150 22.37 -1.39 7.90
C ARG A 150 23.66 -1.95 8.50
N LEU A 151 23.90 -1.67 9.79
CA LEU A 151 25.06 -2.23 10.47
C LEU A 151 25.03 -3.76 10.45
N TYR A 152 23.90 -4.35 10.83
CA TYR A 152 23.80 -5.80 10.95
C TYR A 152 24.04 -6.48 9.59
N MET A 153 23.34 -6.03 8.54
CA MET A 153 23.55 -6.70 7.25
C MET A 153 24.94 -6.42 6.69
N ASN A 154 25.34 -5.14 6.64
CA ASN A 154 26.65 -4.81 6.07
C ASN A 154 27.77 -5.54 6.81
N THR A 155 27.67 -5.64 8.13
CA THR A 155 28.71 -6.28 8.92
C THR A 155 28.76 -7.78 8.68
N TYR A 156 27.60 -8.45 8.73
CA TYR A 156 27.57 -9.91 8.66
C TYR A 156 27.29 -10.44 7.27
N GLY A 157 27.16 -9.58 6.26
CA GLY A 157 26.94 -10.03 4.90
C GLY A 157 25.52 -10.41 4.56
N TYR A 158 24.54 -10.00 5.37
CA TYR A 158 23.14 -10.33 5.14
C TYR A 158 22.52 -9.36 4.13
N LYS A 159 21.28 -9.64 3.76
CA LYS A 159 20.52 -8.80 2.84
C LYS A 159 19.16 -8.52 3.44
N GLU A 160 18.46 -7.53 2.89
CA GLU A 160 17.13 -7.21 3.40
C GLU A 160 16.21 -8.42 3.32
N GLU A 161 16.28 -9.15 2.19
CA GLU A 161 15.41 -10.30 1.97
C GLU A 161 15.56 -11.35 3.06
N ASP A 162 16.76 -11.45 3.66
CA ASP A 162 16.95 -12.44 4.71
C ASP A 162 16.19 -12.05 5.97
N LEU A 163 16.29 -10.78 6.36
CA LEU A 163 15.60 -10.34 7.57
C LEU A 163 14.10 -10.32 7.38
N ALA A 164 13.65 -10.14 6.14
CA ALA A 164 12.22 -10.21 5.82
C ALA A 164 11.58 -11.53 6.24
N LEU A 165 12.36 -12.62 6.25
CA LEU A 165 11.80 -13.90 6.69
C LEU A 165 11.23 -13.82 8.11
N PHE A 166 11.76 -12.91 8.94
CA PHE A 166 11.22 -12.75 10.29
C PHE A 166 9.78 -12.24 10.25
N ALA A 167 9.48 -11.33 9.32
CA ALA A 167 8.10 -10.86 9.15
C ALA A 167 7.23 -11.97 8.56
N VAL A 168 7.77 -12.76 7.63
CA VAL A 168 6.96 -13.82 7.06
C VAL A 168 6.59 -14.85 8.11
N ASN A 169 7.54 -15.18 9.00
CA ASN A 169 7.26 -16.14 10.06
C ASN A 169 6.16 -15.63 10.98
N ALA A 170 6.26 -14.36 11.40
CA ALA A 170 5.25 -13.81 12.29
C ALA A 170 3.89 -13.78 11.63
N HIS A 171 3.83 -13.39 10.35
CA HIS A 171 2.52 -13.26 9.72
C HIS A 171 1.89 -14.63 9.49
N ALA A 172 2.71 -15.65 9.21
CA ALA A 172 2.23 -17.02 9.21
C ALA A 172 1.62 -17.39 10.56
N ASN A 173 2.40 -17.28 11.64
CA ASN A 173 1.91 -17.77 12.93
C ASN A 173 0.75 -16.94 13.45
N GLY A 174 0.63 -15.67 13.05
CA GLY A 174 -0.54 -14.89 13.39
C GLY A 174 -1.77 -15.22 12.57
N ALA A 175 -1.57 -15.70 11.32
CA ALA A 175 -2.70 -16.10 10.51
C ALA A 175 -3.49 -17.24 11.16
N LYS A 176 -2.86 -18.00 12.06
CA LYS A 176 -3.53 -19.07 12.78
C LYS A 176 -3.85 -18.67 14.22
N ASN A 177 -3.99 -17.38 14.48
CA ASN A 177 -4.22 -16.86 15.83
C ASN A 177 -5.40 -15.90 15.83
N PRO A 178 -6.52 -16.27 16.44
CA PRO A 178 -7.70 -15.38 16.41
C PRO A 178 -7.45 -14.04 17.07
N TYR A 179 -6.46 -13.94 17.95
CA TYR A 179 -6.25 -12.69 18.68
C TYR A 179 -5.34 -11.70 17.96
N ALA A 180 -4.61 -12.14 16.92
CA ALA A 180 -3.66 -11.26 16.25
C ALA A 180 -4.39 -10.15 15.50
N MET A 181 -3.65 -9.07 15.22
CA MET A 181 -4.17 -7.99 14.40
C MET A 181 -3.98 -8.24 12.92
N PHE A 182 -2.92 -8.95 12.58
CA PHE A 182 -2.59 -9.29 11.21
C PHE A 182 -2.75 -10.79 11.07
N LYS A 183 -3.79 -11.20 10.35
CA LYS A 183 -4.18 -12.60 10.30
C LYS A 183 -4.07 -13.19 8.90
N LYS A 184 -3.28 -12.58 8.02
CA LYS A 184 -3.04 -13.16 6.72
C LYS A 184 -1.55 -13.38 6.52
N PRO A 185 -1.15 -14.44 5.84
CA PRO A 185 0.28 -14.66 5.56
C PRO A 185 0.73 -13.71 4.46
N ILE A 186 2.04 -13.74 4.20
CA ILE A 186 2.67 -12.81 3.26
C ILE A 186 3.87 -13.50 2.62
N THR A 187 4.42 -12.87 1.58
CA THR A 187 5.63 -13.31 0.90
C THR A 187 6.75 -12.29 1.12
N VAL A 188 7.99 -12.71 0.84
CA VAL A 188 9.11 -11.78 1.00
C VAL A 188 9.03 -10.59 0.06
N GLU A 189 8.38 -10.71 -1.11
CA GLU A 189 8.21 -9.51 -1.92
C GLU A 189 7.14 -8.60 -1.34
N THR A 190 6.22 -9.14 -0.51
CA THR A 190 5.27 -8.29 0.18
C THR A 190 5.98 -7.30 1.08
N VAL A 191 7.06 -7.74 1.71
CA VAL A 191 7.83 -6.82 2.51
C VAL A 191 8.82 -6.04 1.66
N MET A 192 9.40 -6.67 0.63
CA MET A 192 10.42 -5.97 -0.14
C MET A 192 9.83 -4.92 -1.06
N LYS A 193 8.51 -4.90 -1.19
CA LYS A 193 7.81 -3.89 -1.97
C LYS A 193 6.92 -3.02 -1.09
N SER A 194 7.01 -3.16 0.23
CA SER A 194 6.40 -2.20 1.13
C SER A 194 7.14 -0.86 1.06
N PRO A 195 6.47 0.25 1.39
CA PRO A 195 7.15 1.56 1.38
C PRO A 195 8.31 1.58 2.35
N TYR A 196 9.41 2.20 1.94
CA TYR A 196 10.51 2.44 2.86
C TYR A 196 10.10 3.44 3.92
N ILE A 197 10.50 3.17 5.17
CA ILE A 197 10.44 4.16 6.24
C ILE A 197 11.80 4.81 6.44
N ALA A 198 12.83 3.97 6.59
CA ALA A 198 14.24 4.24 6.38
C ALA A 198 14.65 3.58 5.07
N ASP A 199 15.91 3.74 4.68
CA ASP A 199 16.27 3.09 3.44
C ASP A 199 16.51 1.59 3.62
N PRO A 200 17.01 1.13 4.76
CA PRO A 200 16.94 -0.32 4.99
C PRO A 200 15.54 -0.74 5.41
N LEU A 201 14.89 0.05 6.24
CA LEU A 201 13.72 -0.36 7.00
C LEU A 201 12.43 0.01 6.29
N LYS A 202 11.50 -0.95 6.20
CA LYS A 202 10.25 -0.76 5.49
C LYS A 202 9.06 -0.94 6.42
N LEU A 203 7.88 -0.69 5.88
CA LEU A 203 6.65 -0.84 6.66
C LEU A 203 6.56 -2.23 7.26
N PHE A 204 6.91 -3.26 6.50
CA PHE A 204 6.73 -4.62 6.98
C PHE A 204 7.91 -5.12 7.80
N ASP A 205 9.00 -4.36 7.89
CA ASP A 205 10.03 -4.67 8.86
C ASP A 205 9.62 -4.27 10.28
N ALA A 206 8.52 -3.52 10.41
CA ALA A 206 8.14 -2.80 11.63
C ALA A 206 6.81 -3.30 12.19
N SER A 207 6.74 -3.45 13.50
CA SER A 207 5.52 -3.88 14.14
C SER A 207 4.48 -2.77 14.17
N PRO A 208 3.20 -3.11 14.23
CA PRO A 208 2.15 -2.09 14.25
C PRO A 208 1.88 -1.59 15.66
N VAL A 209 1.46 -0.33 15.72
CA VAL A 209 1.03 0.30 16.95
C VAL A 209 -0.48 0.09 17.10
N CYS A 210 -0.94 -0.21 18.31
CA CYS A 210 -2.29 -0.76 18.44
C CYS A 210 -2.72 -0.82 19.90
N ASP A 211 -3.94 -1.31 20.13
CA ASP A 211 -4.55 -1.50 21.44
C ASP A 211 -4.69 -2.99 21.78
N GLY A 212 -4.96 -3.24 23.05
CA GLY A 212 -5.03 -4.58 23.58
C GLY A 212 -4.83 -4.57 25.08
N ALA A 213 -5.15 -5.70 25.69
CA ALA A 213 -5.02 -5.88 27.13
C ALA A 213 -4.84 -7.36 27.42
N ALA A 214 -3.92 -7.68 28.32
CA ALA A 214 -3.66 -9.06 28.70
C ALA A 214 -3.51 -9.11 30.22
N ALA A 215 -3.74 -10.30 30.78
CA ALA A 215 -3.76 -10.42 32.23
C ALA A 215 -3.40 -11.84 32.63
N VAL A 216 -2.73 -11.93 33.79
CA VAL A 216 -2.16 -13.17 34.31
C VAL A 216 -2.45 -13.22 35.81
N ILE A 217 -2.74 -14.42 36.31
CA ILE A 217 -2.99 -14.65 37.73
C ILE A 217 -1.89 -15.56 38.25
N ILE A 218 -1.18 -15.06 39.27
CA ILE A 218 -0.02 -15.72 39.86
C ILE A 218 -0.38 -16.10 41.29
N THR A 219 0.03 -17.30 41.69
CA THR A 219 -0.19 -17.80 43.04
C THR A 219 0.95 -18.74 43.39
N THR A 220 0.86 -19.32 44.58
CA THR A 220 1.72 -20.41 45.00
C THR A 220 0.94 -21.71 44.95
N PRO A 221 1.61 -22.84 44.69
CA PRO A 221 0.86 -24.11 44.52
C PRO A 221 -0.01 -24.48 45.70
N GLU A 222 0.37 -24.11 46.93
CA GLU A 222 -0.44 -24.45 48.09
C GLU A 222 -1.82 -23.81 48.02
N LYS A 223 -1.86 -22.49 47.81
CA LYS A 223 -3.14 -21.80 47.65
C LYS A 223 -3.87 -22.32 46.41
N ALA A 224 -3.12 -22.72 45.39
CA ALA A 224 -3.73 -23.25 44.17
C ALA A 224 -4.52 -24.52 44.46
N LYS A 225 -3.90 -25.48 45.16
CA LYS A 225 -4.63 -26.68 45.57
C LYS A 225 -5.77 -26.33 46.52
N GLU A 226 -5.53 -25.37 47.43
CA GLU A 226 -6.60 -24.93 48.32
C GLU A 226 -7.80 -24.38 47.56
N LEU A 227 -7.60 -23.87 46.34
CA LEU A 227 -8.69 -23.30 45.56
C LEU A 227 -9.21 -24.25 44.49
N GLY A 228 -8.64 -25.44 44.37
CA GLY A 228 -9.09 -26.42 43.41
C GLY A 228 -8.85 -26.08 41.94
N ILE A 229 -7.70 -25.50 41.62
CA ILE A 229 -7.29 -25.29 40.23
C ILE A 229 -6.48 -26.52 39.81
N PRO A 230 -6.87 -27.22 38.75
CA PRO A 230 -6.14 -28.44 38.35
C PRO A 230 -4.70 -28.13 37.97
N LYS A 231 -3.81 -29.08 38.26
CA LYS A 231 -2.39 -28.93 37.94
C LYS A 231 -2.17 -28.88 36.43
N ASP A 232 -3.24 -29.11 35.67
CA ASP A 232 -3.20 -28.96 34.21
C ASP A 232 -3.14 -27.50 33.79
N LYS A 233 -3.52 -26.57 34.67
CA LYS A 233 -3.50 -25.15 34.37
C LYS A 233 -2.24 -24.45 34.88
N TRP A 234 -1.43 -25.13 35.67
CA TRP A 234 -0.31 -24.49 36.38
C TRP A 234 0.90 -24.43 35.45
N ILE A 235 1.46 -23.23 35.29
CA ILE A 235 2.73 -23.02 34.60
C ILE A 235 3.63 -22.22 35.51
N GLU A 236 4.84 -22.74 35.74
CA GLU A 236 5.70 -22.22 36.78
C GLU A 236 6.53 -21.07 36.27
N ILE A 237 6.59 -20.01 37.06
CA ILE A 237 7.59 -18.97 36.85
C ILE A 237 8.92 -19.51 37.35
N ALA A 238 9.73 -20.06 36.44
CA ALA A 238 10.96 -20.72 36.85
C ALA A 238 12.17 -19.81 36.83
N GLY A 239 12.21 -18.80 35.95
CA GLY A 239 13.36 -17.93 35.88
C GLY A 239 13.02 -16.49 35.60
N MET A 240 13.69 -15.56 36.28
CA MET A 240 13.39 -14.15 36.14
C MET A 240 14.68 -13.36 36.09
N GLY A 241 14.78 -12.47 35.10
CA GLY A 241 15.98 -11.68 34.97
C GLY A 241 15.61 -10.35 34.38
N ARG A 242 16.28 -9.28 34.82
CA ARG A 242 15.96 -7.95 34.33
C ARG A 242 17.19 -7.08 34.54
N ALA A 243 17.53 -6.29 33.53
CA ALA A 243 18.76 -5.53 33.64
C ALA A 243 18.65 -4.26 32.82
N ILE A 244 19.45 -3.27 33.22
CA ILE A 244 19.51 -1.99 32.53
C ILE A 244 20.81 -1.90 31.75
N ASP A 245 20.81 -1.01 30.77
CA ASP A 245 22.02 -0.60 30.08
C ASP A 245 21.98 0.92 29.97
N THR A 246 23.09 1.50 29.51
CA THR A 246 23.16 2.95 29.49
C THR A 246 22.20 3.52 28.44
N ILE A 247 21.58 4.64 28.78
CA ILE A 247 20.78 5.39 27.81
C ILE A 247 21.67 6.11 26.81
N ASN A 248 22.90 6.44 27.20
CA ASN A 248 23.81 7.16 26.32
C ASN A 248 24.42 6.18 25.33
N LEU A 249 24.08 6.35 24.04
CA LEU A 249 24.51 5.40 23.02
C LEU A 249 25.98 5.55 22.67
N ALA A 250 26.64 6.58 23.18
CA ALA A 250 28.07 6.72 23.00
C ALA A 250 28.86 6.00 24.08
N ASN A 251 28.18 5.49 25.11
CA ASN A 251 28.80 4.68 26.15
C ASN A 251 28.39 3.22 26.08
N ARG A 252 27.82 2.77 24.97
CA ARG A 252 27.49 1.37 24.82
C ARG A 252 28.69 0.61 24.28
N GLU A 253 28.83 -0.64 24.72
CA GLU A 253 29.94 -1.46 24.24
C GLU A 253 29.81 -1.78 22.74
N ASP A 254 28.65 -2.27 22.31
CA ASP A 254 28.43 -2.60 20.90
C ASP A 254 26.98 -2.38 20.52
N PHE A 255 26.76 -1.91 19.29
CA PHE A 255 25.42 -1.71 18.78
C PHE A 255 24.79 -3.01 18.30
N LEU A 256 25.60 -3.99 17.89
CA LEU A 256 25.08 -5.28 17.47
C LEU A 256 25.06 -6.30 18.60
N THR A 257 25.09 -5.83 19.86
CA THR A 257 24.90 -6.68 21.02
C THR A 257 23.99 -5.97 22.00
N LEU A 258 22.94 -6.65 22.48
CA LEU A 258 22.05 -6.13 23.52
C LEU A 258 22.51 -6.72 24.85
N LYS A 259 23.26 -5.92 25.62
CA LYS A 259 23.91 -6.45 26.81
C LYS A 259 22.90 -6.75 27.91
N ALA A 260 21.88 -5.90 28.07
CA ALA A 260 20.87 -6.13 29.09
C ALA A 260 20.13 -7.44 28.82
N ALA A 261 19.89 -7.75 27.55
CA ALA A 261 19.28 -9.03 27.21
C ALA A 261 20.12 -10.18 27.72
N THR A 262 21.43 -10.14 27.49
CA THR A 262 22.30 -11.23 27.95
C THR A 262 22.31 -11.32 29.47
N ILE A 263 22.42 -10.19 30.17
CA ILE A 263 22.50 -10.23 31.63
C ILE A 263 21.21 -10.78 32.22
N ALA A 264 20.06 -10.27 31.76
CA ALA A 264 18.78 -10.77 32.26
C ALA A 264 18.61 -12.24 31.92
N ALA A 265 18.97 -12.64 30.70
CA ALA A 265 18.85 -14.04 30.29
C ALA A 265 19.71 -14.95 31.14
N GLU A 266 20.93 -14.53 31.46
CA GLU A 266 21.79 -15.31 32.33
C GLU A 266 21.18 -15.47 33.71
N ARG A 267 20.67 -14.37 34.28
CA ARG A 267 20.07 -14.46 35.60
C ARG A 267 18.88 -15.41 35.59
N ALA A 268 18.00 -15.30 34.58
CA ALA A 268 16.82 -16.15 34.53
C ALA A 268 17.18 -17.61 34.27
N TYR A 269 18.16 -17.87 33.40
CA TYR A 269 18.62 -19.23 33.14
C TYR A 269 19.15 -19.87 34.42
N LYS A 270 20.06 -19.18 35.10
CA LYS A 270 20.63 -19.70 36.34
C LYS A 270 19.55 -19.95 37.37
N MET A 271 18.62 -18.99 37.53
CA MET A 271 17.56 -19.14 38.51
C MET A 271 16.70 -20.37 38.20
N ALA A 272 16.35 -20.57 36.94
CA ALA A 272 15.56 -21.72 36.53
C ALA A 272 16.39 -22.98 36.33
N GLY A 273 17.71 -22.85 36.34
CA GLY A 273 18.58 -24.01 36.18
C GLY A 273 18.57 -24.62 34.80
N VAL A 274 18.25 -23.85 33.77
CA VAL A 274 18.20 -24.35 32.40
C VAL A 274 19.28 -23.66 31.57
N LYS A 275 19.48 -24.18 30.37
CA LYS A 275 20.35 -23.59 29.37
C LYS A 275 19.51 -23.28 28.13
N PRO A 276 19.98 -22.40 27.23
CA PRO A 276 19.18 -22.09 26.03
C PRO A 276 18.80 -23.31 25.21
N GLU A 277 19.64 -24.35 25.23
CA GLU A 277 19.33 -25.58 24.52
C GLU A 277 18.18 -26.36 25.14
N ASP A 278 17.77 -26.03 26.37
CA ASP A 278 16.74 -26.78 27.08
C ASP A 278 15.32 -26.26 26.83
N VAL A 279 15.19 -25.07 26.27
CA VAL A 279 13.93 -24.35 26.18
C VAL A 279 13.41 -24.45 24.75
N ASP A 280 12.09 -24.59 24.61
CA ASP A 280 11.51 -25.02 23.34
C ASP A 280 10.93 -23.89 22.49
N PHE A 281 10.79 -22.68 23.03
CA PHE A 281 10.35 -21.56 22.22
C PHE A 281 10.73 -20.26 22.91
N PHE A 282 10.81 -19.20 22.10
CA PHE A 282 11.25 -17.87 22.54
C PHE A 282 10.29 -16.82 21.99
N GLU A 283 9.55 -16.17 22.88
CA GLU A 283 8.82 -14.97 22.52
C GLU A 283 9.81 -13.82 22.68
N VAL A 284 10.21 -13.23 21.58
CA VAL A 284 11.26 -12.21 21.57
C VAL A 284 10.64 -10.87 21.19
N HIS A 285 11.44 -9.81 21.34
CA HIS A 285 10.97 -8.45 21.04
C HIS A 285 11.23 -8.15 19.56
N ASP A 286 10.42 -8.76 18.70
CA ASP A 286 10.55 -8.53 17.26
C ASP A 286 9.83 -7.25 16.87
N ALA A 287 10.11 -6.15 17.58
CA ALA A 287 9.51 -4.86 17.24
C ALA A 287 9.96 -4.39 15.87
N PHE A 288 11.12 -4.87 15.45
CA PHE A 288 11.68 -4.70 14.12
C PHE A 288 12.42 -5.98 13.83
N THR A 289 12.63 -6.28 12.54
CA THR A 289 13.21 -7.58 12.21
C THR A 289 14.61 -7.72 12.79
N VAL A 290 15.39 -6.64 12.79
CA VAL A 290 16.76 -6.71 13.30
C VAL A 290 16.75 -7.14 14.76
N MET A 291 15.71 -6.77 15.50
CA MET A 291 15.68 -7.04 16.92
C MET A 291 15.43 -8.51 17.20
N ALA A 292 14.66 -9.19 16.34
CA ALA A 292 14.49 -10.64 16.49
C ALA A 292 15.83 -11.37 16.36
N ALA A 293 16.59 -11.01 15.32
CA ALA A 293 17.92 -11.61 15.13
C ALA A 293 18.84 -11.29 16.29
N LEU A 294 18.92 -10.01 16.68
CA LEU A 294 19.81 -9.63 17.78
C LEU A 294 19.37 -10.28 19.10
N SER A 295 18.05 -10.42 19.29
CA SER A 295 17.51 -11.04 20.49
C SER A 295 17.93 -12.50 20.57
N LEU A 296 17.87 -13.20 19.44
CA LEU A 296 18.30 -14.60 19.44
C LEU A 296 19.81 -14.70 19.68
N GLU A 297 20.59 -13.78 19.13
CA GLU A 297 22.02 -13.79 19.39
C GLU A 297 22.31 -13.55 20.87
N ALA A 298 21.55 -12.65 21.49
CA ALA A 298 21.80 -12.28 22.88
C ALA A 298 21.20 -13.26 23.88
N LEU A 299 20.17 -14.02 23.49
CA LEU A 299 19.55 -14.98 24.40
C LEU A 299 20.29 -16.31 24.45
N GLY A 300 21.36 -16.48 23.66
CA GLY A 300 22.18 -17.66 23.66
C GLY A 300 21.90 -18.63 22.53
N VAL A 301 20.80 -18.41 21.80
CA VAL A 301 20.37 -19.37 20.77
C VAL A 301 21.36 -19.41 19.62
N ALA A 302 21.82 -18.24 19.19
CA ALA A 302 22.71 -18.12 18.04
C ALA A 302 23.99 -17.40 18.46
N LYS A 303 25.01 -17.55 17.63
CA LYS A 303 26.28 -16.88 17.84
C LYS A 303 26.25 -15.51 17.19
N LYS A 304 27.10 -14.60 17.68
CA LYS A 304 27.13 -13.26 17.14
C LYS A 304 27.31 -13.31 15.64
N GLY A 305 26.36 -12.71 14.91
CA GLY A 305 26.37 -12.73 13.47
C GLY A 305 25.50 -13.81 12.84
N GLU A 306 24.97 -14.74 13.63
CA GLU A 306 24.19 -15.86 13.11
C GLU A 306 22.73 -15.81 13.55
N GLY A 307 22.26 -14.67 14.04
CA GLY A 307 20.86 -14.57 14.45
C GLY A 307 19.90 -14.74 13.30
N ALA A 308 20.16 -14.05 12.18
CA ALA A 308 19.28 -14.14 11.03
C ALA A 308 19.45 -15.45 10.28
N LYS A 309 20.61 -16.09 10.43
CA LYS A 309 20.89 -17.35 9.74
C LYS A 309 19.82 -18.39 10.04
N LEU A 310 19.33 -18.43 11.28
CA LEU A 310 18.22 -19.32 11.62
C LEU A 310 17.00 -19.04 10.76
N ALA A 311 16.72 -17.76 10.52
CA ALA A 311 15.62 -17.39 9.63
C ALA A 311 15.85 -17.89 8.22
N ILE A 312 17.07 -17.71 7.68
CA ILE A 312 17.34 -18.25 6.35
C ILE A 312 17.24 -19.77 6.32
N GLU A 313 17.70 -20.44 7.38
CA GLU A 313 17.62 -21.89 7.47
C GLU A 313 16.29 -22.39 8.02
N GLY A 314 15.33 -21.50 8.26
CA GLY A 314 13.98 -21.90 8.64
C GLY A 314 13.80 -22.39 10.05
N GLN A 315 14.85 -22.34 10.90
CA GLN A 315 14.77 -22.94 12.22
C GLN A 315 13.90 -22.14 13.18
N ILE A 316 13.26 -21.07 12.72
CA ILE A 316 12.38 -20.26 13.54
C ILE A 316 10.91 -20.63 13.32
N ALA A 317 10.63 -21.72 12.61
CA ALA A 317 9.26 -22.17 12.45
C ALA A 317 8.78 -22.87 13.72
N ILE A 318 7.47 -23.15 13.78
CA ILE A 318 6.88 -23.76 14.98
C ILE A 318 7.51 -25.11 15.25
N ASP A 319 7.57 -25.96 14.22
CA ASP A 319 8.21 -27.27 14.29
C ASP A 319 9.73 -27.19 14.35
N GLY A 320 10.31 -26.02 14.13
CA GLY A 320 11.75 -25.87 14.05
C GLY A 320 12.44 -25.94 15.40
N ASP A 321 13.77 -25.87 15.34
CA ASP A 321 14.57 -25.99 16.56
C ASP A 321 14.37 -24.80 17.49
N TYR A 322 14.22 -23.60 16.94
CA TYR A 322 14.10 -22.37 17.74
C TYR A 322 12.86 -21.61 17.30
N PRO A 323 11.67 -22.14 17.60
CA PRO A 323 10.44 -21.42 17.28
C PRO A 323 10.37 -20.08 17.99
N ILE A 324 9.98 -19.04 17.24
CA ILE A 324 9.79 -17.70 17.77
C ILE A 324 8.53 -17.11 17.15
N GLN A 325 7.99 -16.08 17.82
CA GLN A 325 6.80 -15.39 17.35
C GLN A 325 5.63 -16.36 17.24
N THR A 326 5.50 -17.23 18.24
CA THR A 326 4.72 -18.46 18.07
C THR A 326 3.24 -18.19 17.79
N MET A 327 2.68 -17.09 18.28
CA MET A 327 1.29 -16.73 17.97
C MET A 327 1.18 -15.44 17.16
N GLY A 328 2.24 -15.08 16.44
CA GLY A 328 2.29 -13.88 15.61
C GLY A 328 3.37 -12.89 15.99
N GLY A 329 4.02 -13.07 17.14
CA GLY A 329 5.08 -12.18 17.56
C GLY A 329 4.60 -10.74 17.75
N LEU A 330 5.53 -9.82 17.69
CA LEU A 330 5.13 -8.42 17.78
C LEU A 330 4.71 -7.87 16.42
N LYS A 331 5.24 -8.45 15.34
CA LYS A 331 4.95 -7.91 14.01
C LYS A 331 3.55 -8.28 13.53
N ALA A 332 3.00 -9.42 13.95
CA ALA A 332 1.69 -9.86 13.48
C ALA A 332 0.61 -9.86 14.55
N ARG A 333 0.87 -10.46 15.73
CA ARG A 333 -0.06 -10.26 16.84
C ARG A 333 -0.20 -8.78 17.17
N GLY A 334 0.91 -8.05 17.13
CA GLY A 334 0.87 -6.62 17.33
C GLY A 334 1.71 -6.18 18.52
N HIS A 335 2.01 -4.89 18.60
CA HIS A 335 2.87 -4.35 19.66
C HIS A 335 2.10 -3.29 20.46
N PRO A 336 1.17 -3.70 21.32
CA PRO A 336 0.49 -2.73 22.22
C PRO A 336 1.35 -2.48 23.47
N VAL A 337 2.31 -1.55 23.30
CA VAL A 337 3.44 -1.40 24.20
C VAL A 337 2.97 -1.38 25.64
N GLY A 338 3.52 -2.26 26.47
CA GLY A 338 3.12 -2.30 27.85
C GLY A 338 2.05 -3.31 28.16
N ALA A 339 1.36 -3.82 27.14
CA ALA A 339 0.69 -5.11 27.26
C ALA A 339 1.46 -6.19 26.54
N THR A 340 2.37 -5.80 25.63
CA THR A 340 3.20 -6.77 24.91
C THR A 340 3.89 -7.77 25.83
N GLY A 341 4.47 -7.28 26.94
CA GLY A 341 5.11 -8.18 27.87
C GLY A 341 4.17 -9.15 28.55
N VAL A 342 2.92 -8.75 28.77
CA VAL A 342 1.95 -9.68 29.35
C VAL A 342 1.42 -10.63 28.30
N TYR A 343 1.25 -10.14 27.07
CA TYR A 343 0.82 -11.00 25.96
C TYR A 343 1.85 -12.10 25.70
N GLN A 344 3.13 -11.74 25.72
CA GLN A 344 4.19 -12.71 25.53
C GLN A 344 4.14 -13.81 26.58
N VAL A 345 3.57 -13.52 27.76
CA VAL A 345 3.58 -14.51 28.83
C VAL A 345 2.32 -15.35 28.80
N VAL A 346 1.17 -14.75 28.47
CA VAL A 346 -0.03 -15.55 28.28
C VAL A 346 0.14 -16.54 27.12
N GLU A 347 0.69 -16.09 25.99
CA GLU A 347 0.88 -17.00 24.86
C GLU A 347 1.86 -18.12 25.23
N ALA A 348 2.92 -17.79 25.98
CA ALA A 348 3.84 -18.83 26.43
C ALA A 348 3.16 -19.82 27.35
N VAL A 349 2.30 -19.34 28.25
CA VAL A 349 1.53 -20.23 29.10
C VAL A 349 0.66 -21.15 28.25
N LEU A 350 -0.08 -20.55 27.32
CA LEU A 350 -0.94 -21.31 26.43
C LEU A 350 -0.16 -22.28 25.57
N GLN A 351 1.13 -22.02 25.33
CA GLN A 351 1.94 -22.99 24.61
C GLN A 351 2.44 -24.09 25.52
N LEU A 352 2.61 -23.79 26.80
CA LEU A 352 3.06 -24.77 27.78
C LEU A 352 1.93 -25.62 28.34
N ARG A 353 0.67 -25.21 28.11
CA ARG A 353 -0.49 -25.93 28.61
C ARG A 353 -1.12 -26.85 27.58
N GLY A 354 -0.72 -26.74 26.32
CA GLY A 354 -1.38 -27.44 25.24
C GLY A 354 -2.58 -26.72 24.65
N GLU A 355 -3.08 -25.68 25.32
CA GLU A 355 -4.27 -24.93 24.88
C GLU A 355 -3.89 -23.85 23.86
N ALA A 356 -3.17 -24.26 22.81
CA ALA A 356 -2.74 -23.25 21.85
C ALA A 356 -3.50 -23.40 20.55
N PRO A 357 -3.72 -22.31 19.80
CA PRO A 357 -4.58 -22.39 18.61
C PRO A 357 -4.06 -23.40 17.60
N ASP A 358 -4.99 -24.04 16.92
CA ASP A 358 -4.62 -25.06 15.95
C ASP A 358 -3.76 -24.47 14.84
N GLY A 359 -2.66 -25.14 14.54
CA GLY A 359 -1.69 -24.70 13.55
C GLY A 359 -0.45 -24.08 14.15
N ILE A 360 -0.59 -23.44 15.31
CA ILE A 360 0.53 -22.87 16.05
C ILE A 360 0.55 -23.46 17.47
N GLN A 361 1.20 -24.60 17.60
CA GLN A 361 1.47 -25.21 18.90
C GLN A 361 2.88 -25.75 18.86
N VAL A 362 3.76 -25.22 19.71
CA VAL A 362 5.10 -25.76 19.71
C VAL A 362 5.04 -27.22 20.11
N PRO A 363 5.54 -28.11 19.26
CA PRO A 363 5.49 -29.54 19.58
C PRO A 363 6.19 -29.87 20.88
N ASP A 364 5.41 -30.39 21.85
CA ASP A 364 5.93 -30.92 23.10
C ASP A 364 6.70 -29.85 23.88
N ALA A 365 5.97 -28.80 24.24
CA ALA A 365 6.57 -27.66 24.94
C ALA A 365 6.66 -27.93 26.43
N GLU A 366 7.89 -27.89 26.97
CA GLU A 366 8.12 -27.97 28.40
C GLU A 366 8.65 -26.67 29.00
N VAL A 367 9.58 -26.01 28.31
CA VAL A 367 10.16 -24.75 28.78
C VAL A 367 9.96 -23.72 27.68
N GLY A 368 9.48 -22.53 28.08
CA GLY A 368 9.39 -21.41 27.15
C GLY A 368 10.05 -20.18 27.74
N LEU A 369 10.40 -19.23 26.86
CA LEU A 369 11.09 -18.02 27.27
C LEU A 369 10.38 -16.79 26.69
N THR A 370 10.43 -15.67 27.43
CA THR A 370 9.84 -14.40 27.04
C THR A 370 10.81 -13.24 27.27
N GLN A 371 10.84 -12.28 26.32
CA GLN A 371 11.81 -11.19 26.33
C GLN A 371 11.13 -9.86 25.98
N ASN A 372 11.10 -8.93 26.92
CA ASN A 372 10.51 -7.60 26.71
C ASN A 372 11.62 -6.55 26.77
N ILE A 373 11.75 -5.75 25.71
CA ILE A 373 12.80 -4.75 25.58
C ILE A 373 12.17 -3.37 25.72
N GLY A 374 12.71 -2.56 26.62
CA GLY A 374 12.27 -1.19 26.83
C GLY A 374 13.38 -0.22 26.46
N GLY A 375 13.00 0.83 25.73
CA GLY A 375 13.93 1.78 25.19
C GLY A 375 14.83 1.16 24.13
N THR A 376 16.05 1.70 24.06
CA THR A 376 17.05 1.29 23.10
C THR A 376 17.87 0.11 23.59
N GLY A 377 17.30 -0.71 24.46
CA GLY A 377 18.05 -1.68 25.21
C GLY A 377 18.31 -1.26 26.64
N SER A 378 17.68 -0.18 27.08
CA SER A 378 17.95 0.38 28.39
C SER A 378 17.32 -0.43 29.52
N ASN A 379 16.23 -1.16 29.27
CA ASN A 379 15.63 -2.00 30.32
C ASN A 379 15.06 -3.26 29.68
N ILE A 380 15.68 -4.40 29.91
CA ILE A 380 15.26 -5.65 29.26
C ILE A 380 14.91 -6.68 30.33
N THR A 381 13.79 -7.37 30.11
CA THR A 381 13.29 -8.42 30.99
C THR A 381 13.24 -9.75 30.25
N VAL A 382 13.66 -10.81 30.93
CA VAL A 382 13.61 -12.17 30.42
C VAL A 382 12.94 -13.04 31.48
N THR A 383 11.99 -13.88 31.05
CA THR A 383 11.35 -14.79 31.98
C THR A 383 11.29 -16.18 31.36
N VAL A 384 11.51 -17.18 32.20
CA VAL A 384 11.54 -18.59 31.81
C VAL A 384 10.38 -19.27 32.51
N LEU A 385 9.48 -19.85 31.73
CA LEU A 385 8.33 -20.57 32.27
C LEU A 385 8.49 -22.06 31.99
N ARG A 386 8.13 -22.87 32.98
CA ARG A 386 8.22 -24.32 32.88
C ARG A 386 6.88 -24.95 33.19
N ARG A 387 6.64 -26.11 32.60
CA ARG A 387 5.46 -26.88 32.93
C ARG A 387 5.66 -27.59 34.26
N VAL A 388 4.57 -27.71 35.02
CA VAL A 388 4.59 -28.44 36.27
C VAL A 388 3.41 -29.40 36.33
N MET B 1 -35.21 -18.77 -9.26
CA MET B 1 -35.95 -17.93 -8.31
C MET B 1 -35.06 -17.48 -7.17
N ARG B 2 -34.20 -18.37 -6.70
CA ARG B 2 -33.26 -18.03 -5.64
C ARG B 2 -31.98 -17.44 -6.22
N LYS B 3 -31.16 -16.90 -5.33
CA LYS B 3 -29.80 -16.49 -5.65
C LYS B 3 -28.84 -17.36 -4.87
N ALA B 4 -27.69 -17.65 -5.47
CA ALA B 4 -26.69 -18.52 -4.86
C ALA B 4 -25.49 -17.68 -4.46
N ILE B 5 -25.10 -17.79 -3.19
CA ILE B 5 -23.99 -17.02 -2.65
C ILE B 5 -22.93 -17.97 -2.10
N ILE B 6 -21.69 -17.78 -2.53
CA ILE B 6 -20.53 -18.33 -1.83
C ILE B 6 -20.38 -17.59 -0.51
N VAL B 7 -20.12 -18.35 0.57
CA VAL B 7 -19.92 -17.78 1.90
C VAL B 7 -18.64 -18.26 2.58
N GLY B 8 -17.85 -19.13 1.95
CA GLY B 8 -16.65 -19.64 2.57
C GLY B 8 -15.66 -20.12 1.54
N VAL B 9 -14.39 -19.79 1.71
CA VAL B 9 -13.37 -20.13 0.73
C VAL B 9 -12.21 -20.81 1.43
N GLY B 10 -11.60 -21.76 0.75
CA GLY B 10 -10.52 -22.54 1.32
C GLY B 10 -9.49 -22.80 0.26
N MET B 11 -8.22 -22.72 0.62
CA MET B 11 -7.17 -22.78 -0.37
C MET B 11 -5.97 -23.46 0.27
N THR B 12 -5.28 -24.28 -0.49
CA THR B 12 -4.03 -24.83 -0.02
C THR B 12 -2.90 -24.20 -0.84
N PRO B 13 -1.71 -24.00 -0.28
CA PRO B 13 -0.61 -23.51 -1.11
C PRO B 13 -0.40 -24.44 -2.30
N VAL B 14 -0.18 -23.85 -3.46
CA VAL B 14 0.06 -24.61 -4.66
C VAL B 14 1.54 -24.97 -4.77
N GLY B 15 1.83 -26.23 -5.09
CA GLY B 15 3.21 -26.57 -5.39
C GLY B 15 3.45 -28.07 -5.43
N GLU B 16 4.74 -28.41 -5.48
CA GLU B 16 5.21 -29.79 -5.40
C GLU B 16 5.14 -30.25 -3.95
N HIS B 17 4.05 -30.94 -3.60
CA HIS B 17 3.84 -31.42 -2.24
C HIS B 17 4.13 -32.92 -2.22
N TRP B 18 5.42 -33.26 -2.17
CA TRP B 18 5.82 -34.66 -2.20
C TRP B 18 5.37 -35.40 -0.96
N ARG B 19 5.49 -34.77 0.22
CA ARG B 19 5.22 -35.39 1.50
C ARG B 19 3.82 -35.11 2.01
N SER B 20 2.89 -34.78 1.13
CA SER B 20 1.49 -34.65 1.48
C SER B 20 0.71 -35.73 0.75
N SER B 21 -0.52 -35.92 1.16
CA SER B 21 -1.42 -36.85 0.47
C SER B 21 -2.59 -36.08 -0.10
N LEU B 22 -3.19 -36.65 -1.14
CA LEU B 22 -4.41 -36.05 -1.71
C LEU B 22 -5.41 -35.76 -0.61
N ARG B 23 -5.50 -36.68 0.36
CA ARG B 23 -6.32 -36.44 1.54
C ARG B 23 -5.91 -35.16 2.25
N ASP B 24 -4.70 -35.13 2.80
CA ASP B 24 -4.17 -33.93 3.47
C ASP B 24 -4.52 -32.65 2.73
N LEU B 25 -4.22 -32.63 1.42
CA LEU B 25 -4.49 -31.44 0.61
C LEU B 25 -5.96 -31.06 0.63
N ALA B 26 -6.85 -32.01 0.37
CA ALA B 26 -8.27 -31.66 0.24
C ALA B 26 -8.88 -31.32 1.59
N VAL B 27 -8.59 -32.13 2.62
CA VAL B 27 -9.13 -31.85 3.95
C VAL B 27 -8.69 -30.48 4.46
N GLU B 28 -7.45 -30.07 4.16
CA GLU B 28 -7.01 -28.74 4.59
C GLU B 28 -7.88 -27.65 3.98
N ALA B 29 -8.07 -27.69 2.66
CA ALA B 29 -8.90 -26.67 2.01
C ALA B 29 -10.34 -26.73 2.51
N ILE B 30 -10.88 -27.94 2.68
CA ILE B 30 -12.26 -28.11 3.14
C ILE B 30 -12.45 -27.41 4.48
N LEU B 31 -11.66 -27.81 5.48
CA LEU B 31 -11.80 -27.23 6.80
C LEU B 31 -11.52 -25.74 6.80
N ASN B 32 -10.52 -25.29 6.02
CA ASN B 32 -10.24 -23.86 5.97
C ASN B 32 -11.35 -23.07 5.28
N ALA B 33 -12.22 -23.71 4.52
CA ALA B 33 -13.40 -23.02 3.98
C ALA B 33 -14.61 -23.14 4.90
N MET B 34 -14.69 -24.22 5.67
CA MET B 34 -15.74 -24.35 6.67
C MET B 34 -15.48 -23.43 7.86
N ASP B 35 -14.24 -22.97 8.01
CA ASP B 35 -13.93 -21.97 9.03
C ASP B 35 -14.25 -20.57 8.54
N ASP B 36 -13.97 -20.28 7.27
CA ASP B 36 -14.30 -18.98 6.71
C ASP B 36 -15.80 -18.71 6.72
N ALA B 37 -16.63 -19.76 6.74
CA ALA B 37 -18.08 -19.60 6.86
C ALA B 37 -18.57 -19.84 8.28
N GLY B 38 -17.72 -20.36 9.15
CA GLY B 38 -18.10 -20.68 10.51
C GLY B 38 -19.14 -21.77 10.61
N ILE B 39 -19.13 -22.71 9.67
CA ILE B 39 -20.12 -23.79 9.66
C ILE B 39 -19.44 -25.07 10.11
N ASP B 40 -20.27 -26.04 10.52
CA ASP B 40 -19.80 -27.35 10.97
C ASP B 40 -20.36 -28.52 10.16
N LYS B 41 -21.46 -28.32 9.43
CA LYS B 41 -22.03 -29.35 8.58
C LYS B 41 -22.26 -28.77 7.20
N VAL B 42 -22.03 -29.60 6.18
CA VAL B 42 -22.43 -29.30 4.82
C VAL B 42 -23.51 -30.31 4.45
N ASP B 43 -24.24 -30.01 3.37
CA ASP B 43 -25.33 -30.88 2.94
C ASP B 43 -24.96 -31.79 1.77
N SER B 44 -24.04 -31.38 0.90
CA SER B 44 -23.66 -32.20 -0.25
C SER B 44 -22.24 -31.85 -0.67
N LEU B 45 -21.56 -32.85 -1.26
CA LEU B 45 -20.19 -32.70 -1.73
C LEU B 45 -20.12 -32.88 -3.24
N TYR B 46 -19.54 -31.90 -3.93
CA TYR B 46 -19.20 -31.98 -5.33
C TYR B 46 -17.68 -31.82 -5.45
N VAL B 47 -17.05 -32.71 -6.22
CA VAL B 47 -15.59 -32.75 -6.28
C VAL B 47 -15.10 -32.72 -7.71
N GLY B 48 -13.92 -32.14 -7.90
CA GLY B 48 -13.25 -32.06 -9.19
C GLY B 48 -11.83 -32.61 -9.14
N ASN B 49 -11.54 -33.56 -10.03
CA ASN B 49 -10.24 -34.21 -10.09
C ASN B 49 -10.07 -34.75 -11.50
N MET B 50 -8.80 -34.83 -11.92
CA MET B 50 -8.42 -35.39 -13.20
C MET B 50 -7.30 -36.42 -13.13
N ALA B 51 -6.43 -36.37 -12.12
CA ALA B 51 -5.25 -37.25 -12.04
C ALA B 51 -5.12 -37.84 -10.64
N SER B 52 -5.35 -39.15 -10.53
CA SER B 52 -5.28 -39.90 -9.26
C SER B 52 -4.21 -39.41 -8.29
N GLU B 57 -4.98 -44.35 -7.21
CA GLU B 57 -5.90 -44.97 -8.16
C GLU B 57 -7.31 -45.00 -7.57
N GLN B 58 -7.72 -43.87 -7.00
CA GLN B 58 -9.00 -43.76 -6.28
C GLN B 58 -9.86 -42.67 -6.91
N GLU B 59 -10.86 -43.09 -7.69
CA GLU B 59 -11.90 -42.20 -8.19
C GLU B 59 -13.26 -42.52 -7.61
N ASN B 60 -13.28 -43.24 -6.47
CA ASN B 60 -14.44 -43.20 -5.59
C ASN B 60 -14.26 -42.04 -4.59
N LEU B 61 -14.05 -40.85 -5.17
CA LEU B 61 -13.53 -39.72 -4.39
C LEU B 61 -14.58 -39.11 -3.49
N GLY B 62 -15.84 -39.05 -3.92
CA GLY B 62 -16.84 -38.40 -3.09
C GLY B 62 -16.97 -39.06 -1.73
N ALA B 63 -17.09 -40.39 -1.72
CA ALA B 63 -17.17 -41.13 -0.47
C ALA B 63 -15.91 -40.97 0.35
N LEU B 64 -14.74 -41.07 -0.31
CA LEU B 64 -13.48 -40.94 0.40
C LEU B 64 -13.37 -39.60 1.11
N ILE B 65 -13.60 -38.51 0.37
CA ILE B 65 -13.39 -37.17 0.91
C ILE B 65 -14.43 -36.87 1.98
N ALA B 66 -15.68 -37.31 1.79
CA ALA B 66 -16.65 -37.11 2.85
C ALA B 66 -16.31 -37.94 4.08
N ASP B 67 -15.62 -39.07 3.90
CA ASP B 67 -15.16 -39.87 5.03
C ASP B 67 -13.97 -39.23 5.74
N TRP B 68 -13.06 -38.62 4.97
CA TRP B 68 -11.86 -38.02 5.54
C TRP B 68 -12.21 -36.77 6.35
N ALA B 69 -13.12 -35.95 5.85
CA ALA B 69 -13.39 -34.64 6.40
C ALA B 69 -14.54 -34.65 7.40
N GLY B 70 -15.02 -35.82 7.78
CA GLY B 70 -16.10 -35.92 8.75
C GLY B 70 -17.40 -35.30 8.30
N LEU B 71 -17.76 -35.46 7.04
CA LEU B 71 -18.98 -34.84 6.56
C LEU B 71 -20.22 -35.68 6.80
N GLY B 72 -20.08 -36.94 7.19
CA GLY B 72 -21.23 -37.79 7.45
C GLY B 72 -21.73 -38.51 6.21
N ASN B 73 -22.88 -39.19 6.36
CA ASN B 73 -23.46 -39.97 5.28
C ASN B 73 -24.27 -39.08 4.32
N ILE B 74 -23.56 -38.12 3.74
CA ILE B 74 -24.16 -37.12 2.84
C ILE B 74 -24.02 -37.52 1.38
N PRO B 75 -24.82 -36.97 0.47
CA PRO B 75 -24.59 -37.19 -0.96
C PRO B 75 -23.26 -36.59 -1.42
N ALA B 76 -22.62 -37.28 -2.37
CA ALA B 76 -21.27 -36.91 -2.78
C ALA B 76 -21.04 -37.40 -4.20
N VAL B 77 -20.51 -36.52 -5.07
CA VAL B 77 -20.37 -36.84 -6.49
C VAL B 77 -19.20 -36.10 -7.11
N LYS B 78 -18.69 -36.65 -8.21
CA LYS B 78 -17.54 -36.12 -8.93
C LYS B 78 -17.94 -35.61 -10.31
N ILE B 79 -17.37 -34.47 -10.70
CA ILE B 79 -17.72 -33.73 -11.91
C ILE B 79 -16.51 -33.74 -12.82
N GLU B 80 -16.67 -34.27 -14.04
CA GLU B 80 -15.59 -34.34 -15.01
C GLU B 80 -15.95 -33.46 -16.19
N ALA B 81 -15.12 -32.48 -16.48
CA ALA B 81 -15.22 -31.68 -17.69
C ALA B 81 -13.82 -31.49 -18.27
N ALA B 82 -13.11 -32.61 -18.41
CA ALA B 82 -11.68 -32.63 -18.72
C ALA B 82 -10.97 -31.71 -17.74
N CYS B 83 -10.14 -30.79 -18.24
CA CYS B 83 -9.38 -29.91 -17.37
C CYS B 83 -10.20 -28.73 -16.89
N ALA B 84 -11.53 -28.75 -17.09
CA ALA B 84 -12.43 -27.75 -16.55
C ALA B 84 -13.33 -28.32 -15.46
N SER B 85 -13.04 -29.53 -14.99
CA SER B 85 -13.80 -30.15 -13.91
C SER B 85 -14.07 -29.17 -12.78
N GLY B 86 -13.02 -28.55 -12.25
CA GLY B 86 -13.18 -27.62 -11.11
C GLY B 86 -14.20 -26.54 -11.39
N GLY B 87 -14.06 -25.84 -12.53
CA GLY B 87 -15.08 -24.87 -12.89
C GLY B 87 -16.46 -25.48 -12.93
N ALA B 88 -16.60 -26.61 -13.65
CA ALA B 88 -17.88 -27.29 -13.74
C ALA B 88 -18.39 -27.68 -12.36
N ALA B 89 -17.49 -28.17 -11.50
CA ALA B 89 -17.90 -28.54 -10.15
C ALA B 89 -18.54 -27.35 -9.44
N VAL B 90 -17.91 -26.18 -9.53
CA VAL B 90 -18.52 -25.01 -8.90
C VAL B 90 -19.88 -24.76 -9.51
N GLN B 91 -19.95 -24.77 -10.85
CA GLN B 91 -21.23 -24.54 -11.52
C GLN B 91 -22.27 -25.56 -11.10
N GLU B 92 -21.87 -26.83 -10.93
CA GLU B 92 -22.86 -27.82 -10.52
C GLU B 92 -23.37 -27.53 -9.12
N GLY B 93 -22.46 -27.15 -8.21
CA GLY B 93 -22.86 -26.93 -6.83
C GLY B 93 -23.89 -25.84 -6.69
N ALA B 94 -23.64 -24.70 -7.37
CA ALA B 94 -24.64 -23.64 -7.42
C ALA B 94 -25.99 -24.20 -7.82
N LYS B 95 -26.03 -25.00 -8.88
CA LYS B 95 -27.30 -25.54 -9.36
C LYS B 95 -27.98 -26.35 -8.26
N ALA B 96 -27.20 -27.15 -7.53
CA ALA B 96 -27.77 -27.89 -6.40
C ALA B 96 -28.49 -26.94 -5.44
N VAL B 97 -27.82 -25.87 -5.00
CA VAL B 97 -28.50 -24.98 -4.05
C VAL B 97 -29.71 -24.34 -4.73
N LEU B 98 -29.59 -24.00 -6.02
CA LEU B 98 -30.71 -23.38 -6.72
C LEU B 98 -31.86 -24.35 -6.96
N SER B 99 -31.59 -25.67 -6.95
CA SER B 99 -32.68 -26.62 -7.10
C SER B 99 -33.64 -26.55 -5.93
N GLY B 100 -33.13 -26.19 -4.75
CA GLY B 100 -33.88 -26.24 -3.53
C GLY B 100 -33.73 -27.53 -2.78
N LEU B 101 -32.95 -28.47 -3.30
CA LEU B 101 -32.80 -29.77 -2.69
C LEU B 101 -31.76 -29.79 -1.58
N GLU B 102 -30.80 -28.87 -1.65
CA GLU B 102 -29.75 -28.74 -0.65
C GLU B 102 -29.59 -27.26 -0.31
N ASP B 103 -29.18 -27.01 0.94
CA ASP B 103 -29.07 -25.65 1.44
C ASP B 103 -27.62 -25.15 1.43
N VAL B 104 -26.69 -25.93 1.95
CA VAL B 104 -25.27 -25.57 1.93
C VAL B 104 -24.51 -26.68 1.20
N VAL B 105 -23.71 -26.30 0.22
CA VAL B 105 -23.08 -27.22 -0.71
C VAL B 105 -21.59 -26.95 -0.75
N LEU B 106 -20.79 -28.00 -0.59
CA LEU B 106 -19.35 -27.90 -0.62
C LEU B 106 -18.82 -28.35 -1.97
N VAL B 107 -17.99 -27.51 -2.60
CA VAL B 107 -17.33 -27.85 -3.85
C VAL B 107 -15.83 -27.84 -3.60
N VAL B 108 -15.19 -28.99 -3.77
CA VAL B 108 -13.74 -29.11 -3.60
C VAL B 108 -13.13 -29.58 -4.91
N GLY B 109 -12.11 -28.86 -5.38
CA GLY B 109 -11.24 -29.33 -6.44
C GLY B 109 -9.88 -29.66 -5.86
N VAL B 110 -9.34 -30.82 -6.25
CA VAL B 110 -8.10 -31.27 -5.64
C VAL B 110 -7.29 -32.06 -6.66
N GLU B 111 -5.98 -31.89 -6.61
CA GLU B 111 -5.07 -32.55 -7.53
C GLU B 111 -3.72 -32.70 -6.87
N LYS B 112 -3.23 -33.93 -6.78
CA LYS B 112 -1.85 -34.20 -6.43
C LYS B 112 -1.23 -34.96 -7.58
N MET B 113 -0.34 -34.30 -8.32
CA MET B 113 0.25 -34.91 -9.49
C MET B 113 1.71 -35.20 -9.32
N THR B 114 2.32 -34.76 -8.23
CA THR B 114 3.62 -35.31 -7.88
C THR B 114 3.37 -36.70 -7.32
N ASP B 115 2.74 -37.54 -8.15
CA ASP B 115 2.21 -38.85 -7.79
C ASP B 115 2.22 -39.77 -8.98
N PHE B 136 1.55 -38.23 -21.70
CA PHE B 136 1.38 -39.03 -22.92
C PHE B 136 0.66 -38.22 -24.01
N HIS B 137 -0.18 -37.27 -23.58
CA HIS B 137 -0.82 -36.32 -24.47
C HIS B 137 -0.60 -34.88 -23.99
N GLY B 138 0.41 -34.66 -23.14
CA GLY B 138 0.90 -33.37 -22.75
C GLY B 138 1.98 -32.83 -23.65
N ALA B 139 2.46 -33.65 -24.61
CA ALA B 139 3.42 -33.21 -25.61
C ALA B 139 2.72 -32.69 -26.86
N SER B 140 1.73 -33.44 -27.36
CA SER B 140 0.90 -32.95 -28.46
C SER B 140 0.18 -31.66 -28.07
N PHE B 141 -0.23 -31.54 -26.81
CA PHE B 141 -0.90 -30.32 -26.38
C PHE B 141 0.04 -29.10 -26.48
N VAL B 142 1.30 -29.24 -26.05
CA VAL B 142 2.22 -28.10 -26.18
C VAL B 142 2.55 -27.84 -27.65
N ALA B 143 2.67 -28.89 -28.47
CA ALA B 143 2.92 -28.67 -29.89
C ALA B 143 1.76 -27.94 -30.55
N LEU B 144 0.52 -28.30 -30.17
CA LEU B 144 -0.65 -27.60 -30.68
C LEU B 144 -0.66 -26.14 -30.24
N ASN B 145 -0.44 -25.91 -28.94
CA ASN B 145 -0.39 -24.53 -28.46
C ASN B 145 0.74 -23.74 -29.11
N ALA B 146 1.85 -24.39 -29.47
CA ALA B 146 2.94 -23.66 -30.12
C ALA B 146 2.57 -23.27 -31.54
N LEU B 147 1.95 -24.19 -32.27
CA LEU B 147 1.47 -23.84 -33.61
C LEU B 147 0.44 -22.72 -33.54
N ILE B 148 -0.40 -22.71 -32.50
CA ILE B 148 -1.33 -21.60 -32.33
C ILE B 148 -0.58 -20.32 -31.98
N MET B 149 0.48 -20.42 -31.19
CA MET B 149 1.32 -19.28 -30.88
C MET B 149 1.79 -18.59 -32.15
N ARG B 150 2.39 -19.35 -33.05
CA ARG B 150 2.87 -18.64 -34.22
C ARG B 150 1.78 -18.33 -35.23
N LEU B 151 0.69 -19.09 -35.27
CA LEU B 151 -0.42 -18.64 -36.10
C LEU B 151 -0.89 -17.25 -35.63
N TYR B 152 -1.05 -17.08 -34.31
CA TYR B 152 -1.47 -15.80 -33.74
C TYR B 152 -0.47 -14.69 -34.06
N MET B 153 0.82 -14.93 -33.79
CA MET B 153 1.73 -13.80 -33.95
C MET B 153 2.08 -13.53 -35.41
N ASN B 154 2.18 -14.56 -36.25
CA ASN B 154 2.42 -14.34 -37.66
C ASN B 154 1.23 -13.69 -38.35
N THR B 155 0.00 -13.98 -37.89
CA THR B 155 -1.15 -13.34 -38.51
C THR B 155 -1.31 -11.91 -38.01
N TYR B 156 -1.33 -11.73 -36.70
CA TYR B 156 -1.64 -10.45 -36.08
C TYR B 156 -0.40 -9.58 -35.86
N GLY B 157 0.76 -10.01 -36.35
CA GLY B 157 1.95 -9.20 -36.35
C GLY B 157 2.67 -9.07 -35.02
N TYR B 158 2.33 -9.88 -34.03
CA TYR B 158 2.98 -9.80 -32.73
C TYR B 158 4.33 -10.52 -32.75
N LYS B 159 5.06 -10.39 -31.65
CA LYS B 159 6.37 -11.00 -31.47
C LYS B 159 6.41 -11.73 -30.14
N GLU B 160 7.36 -12.66 -30.01
CA GLU B 160 7.48 -13.44 -28.78
C GLU B 160 7.61 -12.56 -27.55
N GLU B 161 8.42 -11.51 -27.65
CA GLU B 161 8.60 -10.58 -26.54
C GLU B 161 7.28 -9.93 -26.15
N ASP B 162 6.36 -9.78 -27.10
CA ASP B 162 5.06 -9.19 -26.80
C ASP B 162 4.17 -10.13 -25.99
N LEU B 163 4.26 -11.43 -26.22
CA LEU B 163 3.44 -12.34 -25.44
C LEU B 163 4.10 -12.75 -24.13
N ALA B 164 5.41 -12.50 -23.98
CA ALA B 164 6.08 -12.72 -22.69
C ALA B 164 5.54 -11.82 -21.58
N LEU B 165 4.87 -10.72 -21.94
CA LEU B 165 4.32 -9.83 -20.92
C LEU B 165 3.20 -10.49 -20.13
N PHE B 166 2.51 -11.49 -20.70
CA PHE B 166 1.53 -12.24 -19.92
C PHE B 166 2.23 -13.03 -18.80
N ALA B 167 3.42 -13.57 -19.07
CA ALA B 167 4.18 -14.25 -18.03
C ALA B 167 4.66 -13.27 -16.97
N VAL B 168 5.20 -12.12 -17.39
CA VAL B 168 5.76 -11.21 -16.40
C VAL B 168 4.65 -10.68 -15.49
N ASN B 169 3.45 -10.43 -16.06
CA ASN B 169 2.31 -10.01 -15.25
C ASN B 169 1.96 -11.06 -14.22
N ALA B 170 1.89 -12.32 -14.64
CA ALA B 170 1.49 -13.38 -13.72
C ALA B 170 2.50 -13.55 -12.60
N HIS B 171 3.79 -13.55 -12.92
CA HIS B 171 4.81 -13.71 -11.89
C HIS B 171 4.81 -12.53 -10.93
N ALA B 172 4.64 -11.31 -11.46
CA ALA B 172 4.56 -10.14 -10.59
C ALA B 172 3.41 -10.26 -9.60
N ASN B 173 2.21 -10.60 -10.09
CA ASN B 173 1.07 -10.69 -9.19
C ASN B 173 1.20 -11.86 -8.22
N GLY B 174 1.74 -12.99 -8.70
CA GLY B 174 1.86 -14.15 -7.84
C GLY B 174 2.92 -13.97 -6.76
N ALA B 175 3.92 -13.12 -7.04
CA ALA B 175 4.97 -12.82 -6.07
C ALA B 175 4.43 -12.32 -4.74
N LYS B 176 3.29 -11.64 -4.75
CA LYS B 176 2.63 -11.25 -3.51
C LYS B 176 1.53 -12.22 -3.10
N ASN B 177 1.47 -13.39 -3.74
CA ASN B 177 0.50 -14.41 -3.35
C ASN B 177 1.18 -15.46 -2.50
N PRO B 178 0.90 -15.53 -1.20
CA PRO B 178 1.54 -16.58 -0.38
C PRO B 178 1.18 -17.97 -0.83
N TYR B 179 0.05 -18.16 -1.51
CA TYR B 179 -0.35 -19.49 -1.93
C TYR B 179 0.21 -19.87 -3.31
N ALA B 180 0.86 -18.94 -4.01
CA ALA B 180 1.31 -19.18 -5.38
C ALA B 180 2.56 -20.07 -5.40
N MET B 181 2.72 -20.81 -6.51
CA MET B 181 3.86 -21.70 -6.65
C MET B 181 5.15 -20.93 -6.91
N PHE B 182 5.08 -19.86 -7.71
CA PHE B 182 6.24 -19.07 -8.12
C PHE B 182 6.07 -17.68 -7.54
N LYS B 183 6.86 -17.37 -6.51
CA LYS B 183 6.68 -16.18 -5.69
C LYS B 183 7.77 -15.13 -5.93
N LYS B 184 8.33 -15.09 -7.13
CA LYS B 184 9.36 -14.11 -7.43
C LYS B 184 9.10 -13.49 -8.79
N PRO B 185 9.29 -12.17 -8.92
CA PRO B 185 9.06 -11.51 -10.21
C PRO B 185 10.10 -11.92 -11.25
N ILE B 186 9.73 -11.73 -12.52
CA ILE B 186 10.58 -12.10 -13.66
C ILE B 186 10.48 -11.00 -14.71
N THR B 187 11.40 -11.05 -15.69
CA THR B 187 11.52 -10.06 -16.74
C THR B 187 11.38 -10.71 -18.11
N VAL B 188 11.02 -9.88 -19.11
CA VAL B 188 10.94 -10.35 -20.49
C VAL B 188 12.22 -11.04 -20.92
N GLU B 189 13.36 -10.50 -20.50
CA GLU B 189 14.63 -11.14 -20.86
C GLU B 189 14.72 -12.53 -20.25
N THR B 190 14.19 -12.70 -19.04
CA THR B 190 14.14 -14.02 -18.42
C THR B 190 13.33 -14.99 -19.28
N VAL B 191 12.16 -14.55 -19.75
CA VAL B 191 11.35 -15.41 -20.62
C VAL B 191 12.11 -15.75 -21.89
N MET B 192 12.59 -14.73 -22.60
CA MET B 192 13.19 -14.98 -23.92
C MET B 192 14.45 -15.81 -23.83
N LYS B 193 15.06 -15.88 -22.65
CA LYS B 193 16.22 -16.73 -22.41
C LYS B 193 15.86 -18.11 -21.88
N SER B 194 14.59 -18.37 -21.59
CA SER B 194 14.19 -19.71 -21.15
C SER B 194 14.30 -20.67 -22.33
N PRO B 195 14.41 -21.97 -22.07
CA PRO B 195 14.53 -22.93 -23.17
C PRO B 195 13.22 -23.08 -23.94
N TYR B 196 13.35 -23.22 -25.25
CA TYR B 196 12.20 -23.59 -26.06
C TYR B 196 11.79 -25.03 -25.75
N ILE B 197 10.50 -25.27 -25.63
CA ILE B 197 9.99 -26.63 -25.60
C ILE B 197 9.42 -27.06 -26.95
N ALA B 198 8.70 -26.16 -27.62
CA ALA B 198 8.50 -26.19 -29.07
C ALA B 198 8.77 -24.79 -29.61
N ASP B 199 9.46 -24.70 -30.76
CA ASP B 199 10.25 -23.53 -31.16
C ASP B 199 9.57 -22.17 -31.04
N PRO B 200 8.26 -22.00 -31.22
CA PRO B 200 7.63 -20.77 -30.69
C PRO B 200 7.53 -20.75 -29.17
N LEU B 201 7.09 -21.84 -28.54
CA LEU B 201 6.78 -21.85 -27.12
C LEU B 201 8.05 -22.06 -26.29
N LYS B 202 8.18 -21.29 -25.19
CA LYS B 202 9.33 -21.44 -24.30
C LYS B 202 8.85 -21.90 -22.93
N LEU B 203 9.81 -22.32 -22.11
CA LEU B 203 9.51 -22.78 -20.75
C LEU B 203 8.68 -21.76 -19.99
N PHE B 204 9.12 -20.50 -20.00
CA PHE B 204 8.39 -19.48 -19.26
C PHE B 204 7.17 -18.98 -20.03
N ASP B 205 6.76 -19.68 -21.08
CA ASP B 205 5.49 -19.43 -21.74
C ASP B 205 4.38 -20.34 -21.25
N ALA B 206 4.71 -21.32 -20.41
CA ALA B 206 3.83 -22.42 -20.04
C ALA B 206 3.70 -22.51 -18.53
N SER B 207 2.48 -22.76 -18.07
CA SER B 207 2.24 -22.85 -16.64
C SER B 207 2.81 -24.16 -16.10
N PRO B 208 3.36 -24.16 -14.89
CA PRO B 208 3.74 -25.43 -14.27
C PRO B 208 2.48 -26.17 -13.91
N VAL B 209 2.57 -27.48 -13.83
CA VAL B 209 1.42 -28.28 -13.44
C VAL B 209 1.86 -29.04 -12.19
N CYS B 210 1.12 -28.86 -11.09
CA CYS B 210 1.61 -29.14 -9.75
C CYS B 210 0.42 -29.55 -8.87
N ASP B 211 0.68 -29.71 -7.57
CA ASP B 211 -0.34 -30.13 -6.62
C ASP B 211 -1.03 -28.93 -5.96
N GLY B 212 -2.20 -29.21 -5.38
CA GLY B 212 -3.01 -28.18 -4.75
C GLY B 212 -4.43 -28.66 -4.54
N ALA B 213 -5.19 -27.82 -3.85
CA ALA B 213 -6.56 -28.12 -3.46
C ALA B 213 -7.24 -26.84 -3.02
N ALA B 214 -8.53 -26.73 -3.33
CA ALA B 214 -9.31 -25.55 -3.00
C ALA B 214 -10.76 -25.96 -2.80
N ALA B 215 -11.49 -25.14 -2.05
CA ALA B 215 -12.85 -25.48 -1.64
C ALA B 215 -13.68 -24.21 -1.56
N VAL B 216 -14.97 -24.37 -1.79
CA VAL B 216 -15.91 -23.26 -1.81
C VAL B 216 -17.20 -23.75 -1.18
N ILE B 217 -17.83 -22.88 -0.38
CA ILE B 217 -19.10 -23.16 0.27
C ILE B 217 -20.15 -22.28 -0.37
N ILE B 218 -21.24 -22.89 -0.83
CA ILE B 218 -22.30 -22.18 -1.52
C ILE B 218 -23.59 -22.40 -0.75
N THR B 219 -24.43 -21.37 -0.72
CA THR B 219 -25.71 -21.46 -0.02
C THR B 219 -26.59 -20.31 -0.52
N THR B 220 -27.72 -20.19 0.06
CA THR B 220 -28.67 -19.14 -0.26
C THR B 220 -28.67 -18.09 0.86
N PRO B 221 -28.96 -16.83 0.54
CA PRO B 221 -28.95 -15.77 1.58
C PRO B 221 -29.83 -16.10 2.78
N GLU B 222 -30.94 -16.80 2.56
CA GLU B 222 -31.82 -17.19 3.66
C GLU B 222 -31.12 -18.10 4.64
N LYS B 223 -30.46 -19.16 4.13
CA LYS B 223 -29.73 -20.07 4.99
C LYS B 223 -28.58 -19.37 5.70
N ALA B 224 -27.93 -18.42 5.02
CA ALA B 224 -26.80 -17.70 5.61
C ALA B 224 -27.26 -16.79 6.74
N LYS B 225 -28.38 -16.08 6.55
CA LYS B 225 -28.97 -15.32 7.66
C LYS B 225 -29.37 -16.25 8.79
N GLU B 226 -29.98 -17.38 8.46
CA GLU B 226 -30.42 -18.33 9.47
C GLU B 226 -29.26 -18.95 10.24
N LEU B 227 -28.04 -18.86 9.70
CA LEU B 227 -26.85 -19.31 10.41
C LEU B 227 -25.95 -18.16 10.83
N GLY B 228 -26.22 -16.94 10.40
CA GLY B 228 -25.44 -15.80 10.83
C GLY B 228 -24.09 -15.63 10.18
N ILE B 229 -23.97 -15.88 8.89
CA ILE B 229 -22.76 -15.55 8.17
C ILE B 229 -22.86 -14.07 7.81
N PRO B 230 -21.92 -13.23 8.22
CA PRO B 230 -21.98 -11.81 7.85
C PRO B 230 -22.00 -11.65 6.34
N LYS B 231 -22.79 -10.67 5.88
CA LYS B 231 -22.88 -10.38 4.45
C LYS B 231 -21.54 -9.95 3.86
N ASP B 232 -20.58 -9.54 4.70
CA ASP B 232 -19.24 -9.24 4.21
C ASP B 232 -18.59 -10.47 3.58
N LYS B 233 -18.96 -11.66 4.02
CA LYS B 233 -18.48 -12.92 3.47
C LYS B 233 -19.41 -13.49 2.40
N TRP B 234 -20.30 -12.66 1.83
CA TRP B 234 -21.27 -13.09 0.84
C TRP B 234 -20.83 -12.61 -0.54
N ILE B 235 -20.64 -13.56 -1.48
CA ILE B 235 -20.31 -13.24 -2.86
C ILE B 235 -21.25 -14.02 -3.76
N GLU B 236 -21.98 -13.32 -4.62
CA GLU B 236 -23.01 -13.93 -5.46
C GLU B 236 -22.42 -14.59 -6.70
N ILE B 237 -22.95 -15.77 -7.04
CA ILE B 237 -22.76 -16.37 -8.36
C ILE B 237 -23.88 -15.80 -9.23
N ALA B 238 -23.54 -14.83 -10.08
CA ALA B 238 -24.55 -14.11 -10.85
C ALA B 238 -24.70 -14.61 -12.28
N GLY B 239 -23.71 -15.34 -12.79
CA GLY B 239 -23.77 -15.83 -14.15
C GLY B 239 -22.93 -17.08 -14.35
N MET B 240 -23.53 -18.11 -14.94
CA MET B 240 -22.85 -19.38 -15.15
C MET B 240 -23.02 -19.76 -16.60
N GLY B 241 -21.91 -19.84 -17.33
CA GLY B 241 -21.94 -20.27 -18.71
C GLY B 241 -20.95 -21.40 -18.99
N ARG B 242 -21.41 -22.42 -19.69
CA ARG B 242 -20.59 -23.60 -20.01
C ARG B 242 -21.02 -24.12 -21.38
N ALA B 243 -20.06 -24.32 -22.28
CA ALA B 243 -20.36 -24.83 -23.61
C ALA B 243 -19.27 -25.81 -24.04
N ILE B 244 -19.51 -26.50 -25.14
CA ILE B 244 -18.56 -27.47 -25.69
C ILE B 244 -18.30 -27.12 -27.15
N ASP B 245 -17.28 -27.77 -27.71
CA ASP B 245 -16.97 -27.70 -29.12
C ASP B 245 -16.44 -29.04 -29.57
N THR B 246 -16.20 -29.18 -30.86
CA THR B 246 -15.77 -30.45 -31.42
C THR B 246 -14.35 -30.79 -30.97
N ILE B 247 -14.12 -32.06 -30.65
CA ILE B 247 -12.75 -32.52 -30.41
C ILE B 247 -11.98 -32.58 -31.71
N ASN B 248 -12.68 -32.77 -32.83
CA ASN B 248 -12.09 -32.78 -34.16
C ASN B 248 -11.66 -31.38 -34.51
N LEU B 249 -10.35 -31.09 -34.39
CA LEU B 249 -9.88 -29.79 -34.85
C LEU B 249 -10.05 -29.60 -36.35
N ALA B 250 -10.28 -30.67 -37.11
CA ALA B 250 -10.79 -30.51 -38.47
C ALA B 250 -12.32 -30.54 -38.52
N ASN B 251 -12.97 -29.77 -37.65
CA ASN B 251 -14.38 -29.42 -37.80
C ASN B 251 -14.62 -28.03 -37.21
N ARG B 252 -13.54 -27.31 -36.89
CA ARG B 252 -13.67 -26.05 -36.18
C ARG B 252 -13.67 -24.88 -37.15
N GLU B 253 -14.21 -23.74 -36.69
CA GLU B 253 -14.28 -22.55 -37.54
C GLU B 253 -12.92 -21.87 -37.69
N ASP B 254 -12.29 -21.49 -36.58
CA ASP B 254 -10.99 -20.84 -36.61
C ASP B 254 -10.13 -21.34 -35.45
N PHE B 255 -8.85 -21.59 -35.73
CA PHE B 255 -7.92 -21.95 -34.66
C PHE B 255 -7.64 -20.79 -33.72
N LEU B 256 -7.91 -19.56 -34.17
CA LEU B 256 -7.71 -18.34 -33.39
C LEU B 256 -8.98 -17.86 -32.70
N THR B 257 -9.96 -18.75 -32.54
CA THR B 257 -11.22 -18.42 -31.88
C THR B 257 -11.58 -19.55 -30.93
N LEU B 258 -11.91 -19.20 -29.69
CA LEU B 258 -12.43 -20.15 -28.71
C LEU B 258 -13.95 -19.96 -28.69
N LYS B 259 -14.63 -20.77 -29.53
CA LYS B 259 -16.08 -20.64 -29.67
C LYS B 259 -16.81 -20.98 -28.37
N ALA B 260 -16.36 -22.02 -27.67
CA ALA B 260 -17.04 -22.38 -26.42
C ALA B 260 -16.85 -21.29 -25.37
N ALA B 261 -15.67 -20.66 -25.35
CA ALA B 261 -15.45 -19.55 -24.42
C ALA B 261 -16.41 -18.41 -24.70
N THR B 262 -16.57 -18.06 -25.99
CA THR B 262 -17.48 -16.96 -26.36
C THR B 262 -18.93 -17.28 -26.03
N ILE B 263 -19.36 -18.52 -26.29
CA ILE B 263 -20.74 -18.92 -26.00
C ILE B 263 -20.99 -18.93 -24.49
N ALA B 264 -20.09 -19.56 -23.73
CA ALA B 264 -20.23 -19.59 -22.28
C ALA B 264 -20.23 -18.18 -21.71
N ALA B 265 -19.37 -17.31 -22.23
CA ALA B 265 -19.35 -15.93 -21.77
C ALA B 265 -20.66 -15.23 -22.07
N GLU B 266 -21.20 -15.41 -23.29
CA GLU B 266 -22.45 -14.74 -23.62
C GLU B 266 -23.56 -15.20 -22.68
N ARG B 267 -23.63 -16.50 -22.40
CA ARG B 267 -24.66 -16.99 -21.51
C ARG B 267 -24.49 -16.44 -20.09
N ALA B 268 -23.25 -16.45 -19.56
CA ALA B 268 -23.06 -15.96 -18.19
C ALA B 268 -23.34 -14.47 -18.08
N TYR B 269 -22.88 -13.69 -19.06
CA TYR B 269 -23.16 -12.26 -19.09
C TYR B 269 -24.66 -12.00 -19.09
N LYS B 270 -25.39 -12.65 -20.01
CA LYS B 270 -26.83 -12.44 -20.07
C LYS B 270 -27.51 -12.85 -18.77
N MET B 271 -26.99 -13.90 -18.12
CA MET B 271 -27.59 -14.36 -16.88
C MET B 271 -27.36 -13.39 -15.74
N ALA B 272 -26.28 -12.61 -15.78
CA ALA B 272 -26.00 -11.67 -14.71
C ALA B 272 -26.45 -10.24 -15.00
N GLY B 273 -26.73 -9.91 -16.26
CA GLY B 273 -27.12 -8.57 -16.60
C GLY B 273 -25.98 -7.63 -16.88
N VAL B 274 -24.79 -8.15 -17.16
CA VAL B 274 -23.60 -7.33 -17.34
C VAL B 274 -23.03 -7.55 -18.74
N LYS B 275 -22.44 -6.51 -19.26
CA LYS B 275 -21.61 -6.51 -20.45
C LYS B 275 -20.15 -6.66 -20.06
N PRO B 276 -19.28 -7.03 -21.00
CA PRO B 276 -17.85 -7.22 -20.65
C PRO B 276 -17.19 -5.97 -20.10
N GLU B 277 -17.73 -4.79 -20.40
CA GLU B 277 -17.15 -3.53 -19.93
C GLU B 277 -17.47 -3.23 -18.47
N ASP B 278 -18.35 -4.01 -17.84
CA ASP B 278 -18.74 -3.80 -16.46
C ASP B 278 -18.07 -4.77 -15.49
N VAL B 279 -17.08 -5.54 -15.95
CA VAL B 279 -16.38 -6.52 -15.13
C VAL B 279 -15.01 -5.95 -14.76
N ASP B 280 -14.61 -6.13 -13.51
CA ASP B 280 -13.43 -5.46 -12.98
C ASP B 280 -12.15 -6.27 -13.09
N PHE B 281 -12.23 -7.60 -13.04
CA PHE B 281 -11.04 -8.42 -13.30
C PHE B 281 -11.48 -9.68 -14.01
N PHE B 282 -10.50 -10.34 -14.64
CA PHE B 282 -10.76 -11.57 -15.38
C PHE B 282 -9.67 -12.58 -15.02
N GLU B 283 -10.09 -13.69 -14.42
CA GLU B 283 -9.22 -14.84 -14.19
C GLU B 283 -9.37 -15.78 -15.39
N VAL B 284 -8.36 -15.80 -16.25
CA VAL B 284 -8.43 -16.47 -17.53
C VAL B 284 -7.61 -17.75 -17.48
N HIS B 285 -7.67 -18.55 -18.54
CA HIS B 285 -6.94 -19.81 -18.60
C HIS B 285 -5.59 -19.61 -19.27
N ASP B 286 -4.68 -18.98 -18.53
CA ASP B 286 -3.32 -18.77 -19.04
C ASP B 286 -2.44 -19.99 -18.80
N ALA B 287 -2.91 -21.15 -19.27
CA ALA B 287 -2.04 -22.32 -19.28
C ALA B 287 -0.87 -22.10 -20.21
N PHE B 288 -1.07 -21.26 -21.23
CA PHE B 288 -0.02 -20.73 -22.08
C PHE B 288 -0.38 -19.28 -22.37
N THR B 289 0.63 -18.48 -22.70
CA THR B 289 0.40 -17.04 -22.84
C THR B 289 -0.58 -16.74 -23.98
N VAL B 290 -0.50 -17.53 -25.06
CA VAL B 290 -1.43 -17.38 -26.18
C VAL B 290 -2.86 -17.50 -25.69
N MET B 291 -3.10 -18.44 -24.78
CA MET B 291 -4.46 -18.67 -24.33
C MET B 291 -4.96 -17.50 -23.51
N ALA B 292 -4.08 -16.79 -22.82
CA ALA B 292 -4.48 -15.54 -22.18
C ALA B 292 -4.88 -14.50 -23.23
N ALA B 293 -4.07 -14.35 -24.28
CA ALA B 293 -4.43 -13.41 -25.34
C ALA B 293 -5.77 -13.76 -25.98
N LEU B 294 -5.91 -15.01 -26.43
CA LEU B 294 -7.12 -15.44 -27.12
C LEU B 294 -8.34 -15.40 -26.21
N SER B 295 -8.19 -15.81 -24.95
CA SER B 295 -9.35 -15.80 -24.08
C SER B 295 -9.77 -14.37 -23.76
N LEU B 296 -8.84 -13.43 -23.71
CA LEU B 296 -9.25 -12.03 -23.65
C LEU B 296 -10.04 -11.65 -24.91
N GLU B 297 -9.58 -12.11 -26.08
CA GLU B 297 -10.29 -11.78 -27.32
C GLU B 297 -11.68 -12.42 -27.36
N ALA B 298 -11.88 -13.53 -26.67
CA ALA B 298 -13.14 -14.25 -26.75
C ALA B 298 -14.04 -13.99 -25.55
N LEU B 299 -13.52 -13.33 -24.52
CA LEU B 299 -14.32 -13.01 -23.34
C LEU B 299 -15.04 -11.68 -23.48
N GLY B 300 -14.60 -10.84 -24.43
CA GLY B 300 -15.28 -9.61 -24.77
C GLY B 300 -14.46 -8.35 -24.55
N VAL B 301 -13.34 -8.42 -23.84
CA VAL B 301 -12.61 -7.21 -23.49
C VAL B 301 -11.71 -6.72 -24.62
N ALA B 302 -11.42 -7.56 -25.61
CA ALA B 302 -10.49 -7.20 -26.68
C ALA B 302 -11.08 -7.58 -28.04
N LYS B 303 -10.62 -6.87 -29.07
CA LYS B 303 -11.06 -7.10 -30.43
C LYS B 303 -10.16 -8.14 -31.08
N LYS B 304 -10.70 -8.84 -32.08
CA LYS B 304 -9.94 -9.92 -32.71
C LYS B 304 -8.61 -9.40 -33.25
N GLY B 305 -7.52 -10.05 -32.85
CA GLY B 305 -6.19 -9.60 -33.18
C GLY B 305 -5.61 -8.56 -32.26
N GLU B 306 -6.28 -8.24 -31.15
CA GLU B 306 -5.86 -7.17 -30.26
C GLU B 306 -5.66 -7.60 -28.81
N GLY B 307 -5.87 -8.88 -28.48
CA GLY B 307 -5.70 -9.31 -27.10
C GLY B 307 -4.29 -9.06 -26.57
N ALA B 308 -3.28 -9.47 -27.35
CA ALA B 308 -1.90 -9.25 -26.93
C ALA B 308 -1.57 -7.76 -26.79
N LYS B 309 -2.30 -6.89 -27.51
CA LYS B 309 -2.10 -5.46 -27.36
C LYS B 309 -2.36 -5.01 -25.93
N LEU B 310 -3.39 -5.58 -25.29
CA LEU B 310 -3.66 -5.19 -23.90
C LEU B 310 -2.51 -5.57 -22.97
N ALA B 311 -1.65 -6.49 -23.40
CA ALA B 311 -0.43 -6.79 -22.65
C ALA B 311 0.74 -5.90 -23.06
N ILE B 312 0.78 -5.47 -24.33
CA ILE B 312 1.80 -4.50 -24.75
C ILE B 312 1.61 -3.20 -23.99
N GLU B 313 0.38 -2.68 -23.97
CA GLU B 313 -0.01 -1.67 -23.00
C GLU B 313 -0.12 -2.32 -21.62
N GLY B 314 -0.31 -1.50 -20.61
CA GLY B 314 -0.26 -2.04 -19.27
C GLY B 314 -1.60 -2.50 -18.75
N GLN B 315 -2.56 -2.69 -19.67
CA GLN B 315 -3.95 -2.82 -19.24
C GLN B 315 -4.25 -4.11 -18.47
N ILE B 316 -3.33 -5.08 -18.46
CA ILE B 316 -3.62 -6.34 -17.77
C ILE B 316 -3.08 -6.31 -16.34
N ALA B 317 -2.62 -5.15 -15.88
CA ALA B 317 -2.10 -5.05 -14.53
C ALA B 317 -3.25 -4.84 -13.54
N ILE B 318 -2.93 -4.94 -12.23
CA ILE B 318 -3.98 -4.85 -11.22
C ILE B 318 -4.72 -3.52 -11.32
N ASP B 319 -3.96 -2.43 -11.35
CA ASP B 319 -4.51 -1.09 -11.56
C ASP B 319 -4.63 -0.81 -13.06
N GLY B 320 -5.41 -1.67 -13.73
CA GLY B 320 -5.55 -1.60 -15.17
C GLY B 320 -7.02 -1.61 -15.57
N ASP B 321 -7.25 -1.32 -16.86
CA ASP B 321 -8.60 -1.41 -17.39
C ASP B 321 -9.09 -2.86 -17.39
N TYR B 322 -8.20 -3.81 -17.72
CA TYR B 322 -8.58 -5.22 -17.86
C TYR B 322 -7.63 -6.11 -17.07
N PRO B 323 -7.65 -6.04 -15.74
CA PRO B 323 -6.73 -6.86 -14.94
C PRO B 323 -6.97 -8.34 -15.14
N ILE B 324 -5.88 -9.09 -15.30
CA ILE B 324 -5.89 -10.56 -15.38
C ILE B 324 -4.77 -11.13 -14.51
N GLN B 325 -4.88 -12.43 -14.21
CA GLN B 325 -3.87 -13.14 -13.44
C GLN B 325 -3.67 -12.52 -12.06
N THR B 326 -4.76 -12.04 -11.47
CA THR B 326 -4.68 -11.14 -10.32
C THR B 326 -3.89 -11.72 -9.17
N MET B 327 -3.88 -13.04 -9.01
CA MET B 327 -3.17 -13.65 -7.89
C MET B 327 -2.00 -14.51 -8.36
N GLY B 328 -1.58 -14.31 -9.61
CA GLY B 328 -0.53 -15.12 -10.22
C GLY B 328 -0.99 -15.94 -11.41
N GLY B 329 -2.30 -15.99 -11.70
CA GLY B 329 -2.76 -16.71 -12.87
C GLY B 329 -2.36 -18.18 -12.78
N LEU B 330 -2.45 -18.86 -13.92
CA LEU B 330 -2.05 -20.25 -13.97
C LEU B 330 -0.54 -20.37 -14.12
N LYS B 331 0.07 -19.38 -14.77
CA LYS B 331 1.51 -19.41 -15.05
C LYS B 331 2.34 -19.38 -13.77
N ALA B 332 1.94 -18.53 -12.81
CA ALA B 332 2.71 -18.32 -11.59
C ALA B 332 2.08 -18.93 -10.35
N ARG B 333 0.77 -18.77 -10.15
CA ARG B 333 0.14 -19.49 -9.05
C ARG B 333 0.20 -21.00 -9.28
N GLY B 334 0.20 -21.43 -10.53
CA GLY B 334 0.31 -22.84 -10.88
C GLY B 334 -0.99 -23.39 -11.48
N HIS B 335 -0.86 -24.60 -12.01
CA HIS B 335 -1.95 -25.24 -12.76
C HIS B 335 -2.20 -26.63 -12.17
N PRO B 336 -2.80 -26.70 -10.97
CA PRO B 336 -3.18 -28.01 -10.40
C PRO B 336 -4.52 -28.50 -10.97
N VAL B 337 -4.42 -29.11 -12.16
CA VAL B 337 -5.55 -29.30 -13.07
C VAL B 337 -6.78 -29.86 -12.37
N GLY B 338 -7.88 -29.15 -12.45
CA GLY B 338 -9.09 -29.62 -11.85
C GLY B 338 -9.33 -29.09 -10.48
N ALA B 339 -8.28 -28.53 -9.85
CA ALA B 339 -8.43 -27.57 -8.77
C ALA B 339 -8.33 -26.14 -9.26
N THR B 340 -7.70 -25.90 -10.41
CA THR B 340 -7.55 -24.53 -10.90
C THR B 340 -8.88 -23.82 -11.04
N GLY B 341 -9.94 -24.54 -11.38
CA GLY B 341 -11.24 -23.91 -11.53
C GLY B 341 -11.82 -23.45 -10.20
N VAL B 342 -11.63 -24.24 -9.14
CA VAL B 342 -12.02 -23.79 -7.80
C VAL B 342 -11.03 -22.75 -7.28
N TYR B 343 -9.75 -22.87 -7.63
CA TYR B 343 -8.78 -21.86 -7.26
C TYR B 343 -9.17 -20.50 -7.82
N GLN B 344 -9.65 -20.48 -9.07
CA GLN B 344 -9.99 -19.23 -9.70
C GLN B 344 -11.15 -18.57 -8.97
N VAL B 345 -12.15 -19.35 -8.56
CA VAL B 345 -13.27 -18.69 -7.89
C VAL B 345 -12.89 -18.31 -6.46
N VAL B 346 -12.01 -19.05 -5.79
CA VAL B 346 -11.60 -18.62 -4.45
C VAL B 346 -10.84 -17.29 -4.52
N GLU B 347 -9.90 -17.19 -5.47
CA GLU B 347 -9.20 -15.92 -5.67
C GLU B 347 -10.16 -14.81 -6.06
N ALA B 348 -11.18 -15.14 -6.88
CA ALA B 348 -12.13 -14.11 -7.32
C ALA B 348 -12.97 -13.61 -6.14
N VAL B 349 -13.46 -14.52 -5.30
CA VAL B 349 -14.26 -14.09 -4.17
C VAL B 349 -13.41 -13.29 -3.19
N LEU B 350 -12.14 -13.66 -3.03
CA LEU B 350 -11.25 -12.86 -2.19
C LEU B 350 -11.11 -11.44 -2.74
N GLN B 351 -10.83 -11.30 -4.04
CA GLN B 351 -10.72 -9.98 -4.64
C GLN B 351 -12.01 -9.18 -4.49
N LEU B 352 -13.16 -9.86 -4.49
CA LEU B 352 -14.43 -9.16 -4.32
C LEU B 352 -14.76 -8.87 -2.87
N ARG B 353 -14.07 -9.52 -1.93
CA ARG B 353 -14.31 -9.33 -0.51
C ARG B 353 -13.43 -8.25 0.10
N GLY B 354 -12.48 -7.71 -0.64
CA GLY B 354 -11.47 -6.90 -0.01
C GLY B 354 -10.46 -7.67 0.80
N GLU B 355 -10.36 -8.99 0.60
CA GLU B 355 -9.43 -9.83 1.34
C GLU B 355 -8.29 -10.34 0.47
N ALA B 356 -8.03 -9.70 -0.67
CA ALA B 356 -6.92 -10.09 -1.50
C ALA B 356 -5.59 -9.77 -0.82
N PRO B 357 -4.54 -10.56 -1.06
CA PRO B 357 -3.28 -10.34 -0.35
C PRO B 357 -2.68 -8.97 -0.64
N ASP B 358 -1.96 -8.44 0.35
CA ASP B 358 -1.44 -7.09 0.27
C ASP B 358 -0.57 -6.95 -0.97
N GLY B 359 -0.93 -5.98 -1.82
CA GLY B 359 -0.21 -5.71 -3.06
C GLY B 359 -0.96 -6.05 -4.33
N ILE B 360 -1.95 -6.96 -4.27
CA ILE B 360 -2.65 -7.36 -5.50
C ILE B 360 -4.15 -7.27 -5.39
N GLN B 361 -4.66 -6.43 -4.50
CA GLN B 361 -6.10 -6.16 -4.50
C GLN B 361 -6.46 -5.33 -5.73
N VAL B 362 -7.47 -5.76 -6.47
CA VAL B 362 -7.97 -4.95 -7.59
C VAL B 362 -8.65 -3.70 -7.04
N PRO B 363 -8.30 -2.49 -7.53
CA PRO B 363 -8.63 -1.25 -6.81
C PRO B 363 -10.03 -1.21 -6.21
N ASP B 364 -11.07 -1.34 -7.02
CA ASP B 364 -12.43 -1.37 -6.49
C ASP B 364 -13.29 -2.31 -7.33
N ALA B 365 -13.50 -3.52 -6.82
CA ALA B 365 -14.03 -4.64 -7.59
C ALA B 365 -15.47 -4.92 -7.17
N GLU B 366 -16.39 -4.80 -8.13
CA GLU B 366 -17.78 -5.19 -7.90
C GLU B 366 -18.15 -6.48 -8.60
N VAL B 367 -17.53 -6.78 -9.74
CA VAL B 367 -17.87 -7.95 -10.54
C VAL B 367 -16.58 -8.54 -11.11
N GLY B 368 -16.45 -9.87 -11.04
CA GLY B 368 -15.32 -10.56 -11.63
C GLY B 368 -15.79 -11.78 -12.40
N LEU B 369 -14.89 -12.31 -13.23
CA LEU B 369 -15.18 -13.45 -14.08
C LEU B 369 -14.08 -14.49 -13.97
N THR B 370 -14.46 -15.75 -14.15
CA THR B 370 -13.59 -16.90 -14.14
C THR B 370 -13.78 -17.72 -15.41
N GLN B 371 -12.68 -18.18 -15.98
CA GLN B 371 -12.69 -19.01 -17.17
C GLN B 371 -11.83 -20.25 -16.93
N ASN B 372 -12.40 -21.43 -17.21
CA ASN B 372 -11.69 -22.71 -17.15
C ASN B 372 -11.85 -23.43 -18.48
N ILE B 373 -10.73 -23.89 -19.04
CA ILE B 373 -10.70 -24.50 -20.36
C ILE B 373 -10.28 -25.96 -20.23
N GLY B 374 -11.09 -26.88 -20.77
CA GLY B 374 -10.73 -28.28 -20.86
C GLY B 374 -10.35 -28.63 -22.29
N GLY B 375 -9.40 -29.55 -22.42
CA GLY B 375 -8.97 -29.97 -23.74
C GLY B 375 -8.48 -28.82 -24.59
N THR B 376 -8.77 -28.92 -25.89
CA THR B 376 -8.34 -27.94 -26.87
C THR B 376 -9.40 -26.86 -27.08
N GLY B 377 -10.18 -26.57 -26.05
CA GLY B 377 -11.37 -25.74 -26.21
C GLY B 377 -12.64 -26.54 -26.33
N SER B 378 -12.63 -27.82 -25.98
CA SER B 378 -13.78 -28.68 -26.16
C SER B 378 -14.82 -28.55 -25.06
N ASN B 379 -14.49 -27.94 -23.92
CA ASN B 379 -15.46 -27.74 -22.85
C ASN B 379 -14.96 -26.60 -21.97
N ILE B 380 -15.66 -25.46 -21.98
CA ILE B 380 -15.19 -24.25 -21.32
C ILE B 380 -16.27 -23.75 -20.37
N THR B 381 -15.87 -23.39 -19.15
CA THR B 381 -16.79 -22.84 -18.15
C THR B 381 -16.40 -21.40 -17.88
N VAL B 382 -17.37 -20.49 -17.90
CA VAL B 382 -17.16 -19.13 -17.42
C VAL B 382 -18.23 -18.82 -16.39
N THR B 383 -17.82 -18.22 -15.29
CA THR B 383 -18.69 -17.90 -14.17
C THR B 383 -18.42 -16.47 -13.73
N VAL B 384 -19.48 -15.67 -13.59
CA VAL B 384 -19.34 -14.29 -13.14
C VAL B 384 -19.88 -14.16 -11.72
N LEU B 385 -19.15 -13.43 -10.88
CA LEU B 385 -19.45 -13.30 -9.47
C LEU B 385 -19.47 -11.82 -9.11
N ARG B 386 -20.27 -11.48 -8.11
CA ARG B 386 -20.57 -10.08 -7.82
C ARG B 386 -20.73 -9.88 -6.33
N ARG B 387 -20.24 -8.75 -5.82
CA ARG B 387 -20.46 -8.42 -4.42
C ARG B 387 -21.94 -8.19 -4.15
N VAL B 388 -22.43 -8.74 -3.05
CA VAL B 388 -23.83 -8.61 -2.64
C VAL B 388 -24.24 -7.15 -2.47
N ARG C 2 27.05 34.71 -23.30
CA ARG C 2 26.38 33.41 -23.25
C ARG C 2 24.86 33.56 -23.18
N LYS C 3 24.15 32.53 -23.66
CA LYS C 3 22.70 32.51 -23.67
C LYS C 3 22.19 31.35 -22.82
N ALA C 4 21.02 31.54 -22.21
CA ALA C 4 20.34 30.51 -21.43
C ALA C 4 19.14 30.01 -22.19
N ILE C 5 19.01 28.69 -22.31
CA ILE C 5 17.87 28.07 -22.95
C ILE C 5 17.32 26.99 -22.03
N ILE C 6 16.01 27.00 -21.82
CA ILE C 6 15.32 25.87 -21.21
C ILE C 6 15.20 24.77 -22.25
N VAL C 7 15.65 23.57 -21.88
CA VAL C 7 15.57 22.41 -22.78
C VAL C 7 14.79 21.26 -22.19
N GLY C 8 14.45 21.30 -20.91
CA GLY C 8 13.67 20.22 -20.30
C GLY C 8 12.52 20.78 -19.50
N VAL C 9 11.38 20.09 -19.57
CA VAL C 9 10.14 20.62 -19.01
C VAL C 9 9.29 19.46 -18.50
N GLY C 10 8.74 19.64 -17.30
CA GLY C 10 7.97 18.58 -16.68
C GLY C 10 7.08 19.13 -15.59
N MET C 11 5.98 18.42 -15.34
CA MET C 11 5.06 18.87 -14.30
C MET C 11 4.19 17.69 -13.89
N THR C 12 3.53 17.86 -12.77
CA THR C 12 2.57 16.92 -12.25
C THR C 12 1.17 17.51 -12.35
N PRO C 13 0.14 16.67 -12.41
CA PRO C 13 -1.23 17.20 -12.32
C PRO C 13 -1.38 18.06 -11.06
N VAL C 14 -1.98 19.23 -11.23
CA VAL C 14 -2.25 20.09 -10.10
C VAL C 14 -3.57 19.70 -9.45
N GLY C 15 -3.57 19.58 -8.13
CA GLY C 15 -4.80 19.37 -7.41
C GLY C 15 -4.51 18.93 -5.99
N GLU C 16 -5.56 18.44 -5.34
CA GLU C 16 -5.41 17.79 -4.04
C GLU C 16 -4.91 16.37 -4.27
N HIS C 17 -3.74 16.07 -3.70
CA HIS C 17 -3.05 14.81 -3.90
C HIS C 17 -2.75 14.16 -2.56
N TRP C 18 -3.79 14.04 -1.72
CA TRP C 18 -3.65 13.50 -0.37
C TRP C 18 -2.93 12.16 -0.33
N ARG C 19 -2.89 11.43 -1.45
CA ARG C 19 -2.28 10.11 -1.50
C ARG C 19 -0.80 10.14 -1.90
N SER C 20 -0.25 11.31 -2.24
CA SER C 20 1.15 11.41 -2.62
C SER C 20 1.91 12.28 -1.65
N SER C 21 3.24 12.09 -1.64
CA SER C 21 4.16 12.85 -0.81
C SER C 21 4.79 13.99 -1.60
N LEU C 22 5.42 14.92 -0.88
CA LEU C 22 6.25 15.94 -1.52
C LEU C 22 7.32 15.30 -2.39
N ARG C 23 7.90 14.20 -1.90
CA ARG C 23 8.88 13.45 -2.69
C ARG C 23 8.27 12.94 -3.99
N ASP C 24 7.22 12.12 -3.90
CA ASP C 24 6.62 11.57 -5.12
C ASP C 24 6.37 12.66 -6.16
N LEU C 25 5.78 13.78 -5.71
CA LEU C 25 5.46 14.88 -6.62
C LEU C 25 6.71 15.42 -7.29
N ALA C 26 7.71 15.77 -6.47
CA ALA C 26 8.89 16.44 -7.01
C ALA C 26 9.66 15.53 -7.95
N VAL C 27 9.90 14.28 -7.52
CA VAL C 27 10.60 13.32 -8.36
C VAL C 27 9.85 13.09 -9.68
N GLU C 28 8.52 13.01 -9.64
CA GLU C 28 7.77 12.88 -10.89
C GLU C 28 8.08 14.03 -11.84
N ALA C 29 7.96 15.27 -11.35
CA ALA C 29 8.24 16.42 -12.21
C ALA C 29 9.68 16.40 -12.72
N ILE C 30 10.64 16.13 -11.83
CA ILE C 30 12.04 16.15 -12.21
C ILE C 30 12.33 15.13 -13.29
N LEU C 31 11.88 13.88 -13.09
CA LEU C 31 12.15 12.83 -14.06
C LEU C 31 11.46 13.11 -15.38
N ASN C 32 10.23 13.61 -15.33
CA ASN C 32 9.57 14.05 -16.56
C ASN C 32 10.45 15.03 -17.34
N ALA C 33 10.98 16.04 -16.64
CA ALA C 33 11.81 17.03 -17.32
C ALA C 33 13.09 16.40 -17.86
N MET C 34 13.76 15.57 -17.05
CA MET C 34 15.01 14.95 -17.48
C MET C 34 14.79 14.03 -18.68
N ASP C 35 13.59 13.46 -18.79
CA ASP C 35 13.27 12.65 -19.95
C ASP C 35 12.91 13.51 -21.17
N ASP C 36 12.15 14.59 -20.95
CA ASP C 36 11.79 15.48 -22.05
C ASP C 36 13.03 16.13 -22.68
N ALA C 37 14.06 16.39 -21.87
CA ALA C 37 15.31 16.88 -22.43
C ALA C 37 16.23 15.76 -22.90
N GLY C 38 15.97 14.52 -22.47
CA GLY C 38 16.81 13.40 -22.84
C GLY C 38 18.14 13.38 -22.14
N ILE C 39 18.16 13.76 -20.85
CA ILE C 39 19.35 13.86 -20.03
C ILE C 39 19.25 12.85 -18.90
N ASP C 40 20.41 12.53 -18.33
CA ASP C 40 20.48 11.68 -17.13
C ASP C 40 21.18 12.34 -15.94
N LYS C 41 21.97 13.40 -16.16
CA LYS C 41 22.73 14.04 -15.08
C LYS C 41 22.56 15.55 -15.17
N VAL C 42 22.45 16.19 -14.01
CA VAL C 42 22.41 17.64 -13.89
C VAL C 42 23.60 18.08 -13.03
N ASP C 43 23.95 19.35 -13.17
CA ASP C 43 25.10 19.91 -12.45
C ASP C 43 24.72 20.59 -11.13
N SER C 44 23.53 21.15 -11.00
CA SER C 44 23.10 21.81 -9.77
C SER C 44 21.58 21.86 -9.71
N LEU C 45 21.06 22.00 -8.49
CA LEU C 45 19.62 21.96 -8.23
C LEU C 45 19.16 23.19 -7.43
N TYR C 46 18.12 23.86 -7.95
CA TYR C 46 17.51 25.03 -7.31
C TYR C 46 16.03 24.74 -7.05
N VAL C 47 15.61 24.90 -5.79
CA VAL C 47 14.30 24.44 -5.34
C VAL C 47 13.42 25.63 -4.95
N GLY C 48 12.10 25.46 -5.12
CA GLY C 48 11.11 26.43 -4.69
C GLY C 48 10.01 25.84 -3.82
N ASN C 49 9.84 26.37 -2.60
CA ASN C 49 8.86 25.84 -1.66
C ASN C 49 8.55 26.90 -0.62
N MET C 50 7.29 26.93 -0.19
CA MET C 50 6.84 27.75 0.93
C MET C 50 6.29 26.92 2.07
N ALA C 51 5.28 26.07 1.82
CA ALA C 51 4.67 25.23 2.86
C ALA C 51 5.25 23.82 2.84
N GLU C 57 11.20 18.06 6.16
CA GLU C 57 11.42 19.43 6.60
C GLU C 57 11.74 20.30 5.38
N GLN C 58 11.12 21.48 5.31
CA GLN C 58 11.35 22.37 4.17
C GLN C 58 12.80 22.78 4.09
N GLU C 59 13.45 22.95 5.23
CA GLU C 59 14.90 23.11 5.23
C GLU C 59 15.57 21.75 5.12
N ASN C 60 16.69 21.74 4.42
CA ASN C 60 17.32 20.54 3.86
C ASN C 60 16.58 20.05 2.63
N LEU C 61 15.70 20.85 2.02
CA LEU C 61 14.95 20.40 0.85
C LEU C 61 15.87 20.09 -0.33
N GLY C 62 16.87 20.93 -0.60
CA GLY C 62 17.78 20.66 -1.70
C GLY C 62 18.44 19.29 -1.57
N ALA C 63 18.93 18.97 -0.38
CA ALA C 63 19.57 17.67 -0.16
C ALA C 63 18.57 16.53 -0.30
N LEU C 64 17.39 16.67 0.30
CA LEU C 64 16.39 15.60 0.18
C LEU C 64 16.06 15.34 -1.28
N ILE C 65 15.79 16.40 -2.04
CA ILE C 65 15.36 16.22 -3.42
C ILE C 65 16.48 15.62 -4.24
N ALA C 66 17.72 16.11 -4.08
CA ALA C 66 18.82 15.52 -4.83
C ALA C 66 18.99 14.05 -4.49
N ASP C 67 18.80 13.69 -3.22
CA ASP C 67 18.81 12.29 -2.80
C ASP C 67 17.69 11.50 -3.47
N TRP C 68 16.47 12.07 -3.47
CA TRP C 68 15.28 11.35 -3.92
C TRP C 68 15.34 11.03 -5.41
N ALA C 69 15.83 11.97 -6.21
CA ALA C 69 15.90 11.83 -7.66
C ALA C 69 17.21 11.23 -8.12
N GLY C 70 18.05 10.81 -7.19
CA GLY C 70 19.34 10.22 -7.53
C GLY C 70 20.27 11.17 -8.25
N LEU C 71 20.16 12.48 -7.99
CA LEU C 71 20.93 13.46 -8.74
C LEU C 71 22.41 13.44 -8.36
N GLY C 72 22.77 12.84 -7.22
CA GLY C 72 24.16 12.75 -6.80
C GLY C 72 24.57 13.87 -5.85
N ASN C 73 25.83 13.82 -5.44
CA ASN C 73 26.39 14.80 -4.50
C ASN C 73 26.61 16.13 -5.22
N ILE C 74 25.52 16.71 -5.69
CA ILE C 74 25.56 17.92 -6.50
C ILE C 74 25.36 19.14 -5.60
N PRO C 75 25.72 20.33 -6.05
CA PRO C 75 25.30 21.53 -5.32
C PRO C 75 23.79 21.72 -5.44
N ALA C 76 23.15 21.96 -4.29
CA ALA C 76 21.71 22.12 -4.27
C ALA C 76 21.34 23.20 -3.25
N VAL C 77 20.51 24.14 -3.69
CA VAL C 77 20.04 25.26 -2.88
C VAL C 77 18.56 25.47 -3.16
N LYS C 78 17.85 26.01 -2.18
CA LYS C 78 16.49 26.46 -2.34
C LYS C 78 16.48 27.99 -2.43
N ILE C 79 15.46 28.54 -3.10
CA ILE C 79 15.26 29.98 -3.26
C ILE C 79 13.95 30.37 -2.60
N GLU C 80 13.98 31.42 -1.79
CA GLU C 80 12.82 31.92 -1.07
C GLU C 80 12.61 33.39 -1.43
N ALA C 81 11.51 33.69 -2.11
CA ALA C 81 11.11 35.06 -2.40
C ALA C 81 9.62 35.22 -2.13
N ALA C 82 9.20 34.73 -0.97
CA ALA C 82 7.78 34.63 -0.59
C ALA C 82 7.07 33.84 -1.70
N CYS C 83 5.83 34.20 -2.05
CA CYS C 83 5.06 33.44 -3.03
C CYS C 83 5.68 33.45 -4.43
N ALA C 84 6.79 34.14 -4.65
CA ALA C 84 7.48 34.15 -5.94
C ALA C 84 8.75 33.31 -5.93
N SER C 85 8.91 32.43 -4.91
CA SER C 85 10.07 31.52 -4.89
C SER C 85 10.24 30.80 -6.23
N GLY C 86 9.12 30.32 -6.81
CA GLY C 86 9.23 29.60 -8.07
C GLY C 86 9.83 30.44 -9.18
N GLY C 87 9.28 31.66 -9.38
CA GLY C 87 9.82 32.51 -10.43
C GLY C 87 11.29 32.80 -10.20
N ALA C 88 11.62 33.27 -8.99
CA ALA C 88 13.00 33.55 -8.63
C ALA C 88 13.88 32.32 -8.85
N ALA C 89 13.38 31.13 -8.48
CA ALA C 89 14.20 29.94 -8.65
C ALA C 89 14.66 29.81 -10.10
N VAL C 90 13.73 29.96 -11.05
CA VAL C 90 14.13 29.82 -12.45
C VAL C 90 15.14 30.89 -12.80
N GLN C 91 14.88 32.14 -12.38
CA GLN C 91 15.81 33.22 -12.71
C GLN C 91 17.19 32.95 -12.14
N GLU C 92 17.25 32.29 -10.98
CA GLU C 92 18.55 32.03 -10.40
C GLU C 92 19.25 30.92 -11.15
N GLY C 93 18.48 29.90 -11.58
CA GLY C 93 19.07 28.79 -12.31
C GLY C 93 19.68 29.23 -13.62
N ALA C 94 18.94 30.05 -14.38
CA ALA C 94 19.51 30.68 -15.56
C ALA C 94 20.82 31.37 -15.22
N LYS C 95 20.85 32.14 -14.13
CA LYS C 95 22.07 32.85 -13.78
C LYS C 95 23.21 31.87 -13.53
N ALA C 96 22.90 30.73 -12.88
CA ALA C 96 23.94 29.70 -12.74
C ALA C 96 24.52 29.34 -14.10
N VAL C 97 23.65 29.04 -15.08
CA VAL C 97 24.13 28.74 -16.43
C VAL C 97 24.92 29.91 -16.98
N LEU C 98 24.41 31.14 -16.79
CA LEU C 98 25.08 32.30 -17.34
C LEU C 98 26.44 32.53 -16.69
N SER C 99 26.63 32.02 -15.47
CA SER C 99 27.89 32.25 -14.79
C SER C 99 29.02 31.43 -15.40
N GLY C 100 28.69 30.28 -15.98
CA GLY C 100 29.68 29.35 -16.47
C GLY C 100 30.11 28.33 -15.45
N LEU C 101 29.80 28.57 -14.17
CA LEU C 101 30.12 27.59 -13.14
C LEU C 101 29.28 26.33 -13.26
N GLU C 102 28.17 26.41 -13.98
CA GLU C 102 27.29 25.27 -14.19
C GLU C 102 26.85 25.25 -15.64
N ASP C 103 26.70 24.05 -16.20
CA ASP C 103 26.34 23.91 -17.60
C ASP C 103 24.98 23.28 -17.83
N VAL C 104 24.49 22.48 -16.89
CA VAL C 104 23.13 21.95 -16.92
C VAL C 104 22.56 22.10 -15.52
N VAL C 105 21.57 22.98 -15.38
CA VAL C 105 21.00 23.21 -14.06
C VAL C 105 19.54 22.77 -14.09
N LEU C 106 19.05 22.40 -12.93
CA LEU C 106 17.66 21.96 -12.77
C LEU C 106 16.99 22.86 -11.75
N VAL C 107 15.84 23.44 -12.12
CA VAL C 107 14.99 24.19 -11.20
C VAL C 107 13.71 23.39 -11.00
N VAL C 108 13.29 23.22 -9.74
CA VAL C 108 12.07 22.50 -9.42
C VAL C 108 11.30 23.28 -8.37
N GLY C 109 10.01 23.48 -8.58
CA GLY C 109 9.10 24.02 -7.58
C GLY C 109 8.11 22.95 -7.14
N VAL C 110 7.82 22.90 -5.84
CA VAL C 110 6.95 21.85 -5.31
C VAL C 110 6.20 22.39 -4.09
N GLU C 111 4.90 22.09 -4.03
CA GLU C 111 4.05 22.50 -2.91
C GLU C 111 3.05 21.41 -2.59
N LYS C 112 2.88 21.13 -1.30
CA LYS C 112 1.94 20.12 -0.82
C LYS C 112 1.21 20.75 0.36
N MET C 113 0.05 21.33 0.10
CA MET C 113 -0.71 22.05 1.11
C MET C 113 -1.70 21.13 1.83
N THR C 114 -2.44 20.32 1.09
CA THR C 114 -3.15 19.20 1.71
C THR C 114 -2.19 18.48 2.64
N ASP C 115 -2.57 18.38 3.91
CA ASP C 115 -1.67 17.92 4.96
C ASP C 115 -0.32 18.63 4.91
N GLY C 138 -4.43 33.13 3.25
CA GLY C 138 -4.55 33.81 4.53
C GLY C 138 -5.77 34.68 4.59
N ALA C 139 -6.30 34.89 5.80
CA ALA C 139 -7.48 35.73 5.94
C ALA C 139 -7.18 37.20 5.66
N SER C 140 -6.11 37.72 6.28
CA SER C 140 -5.73 39.12 6.07
C SER C 140 -5.44 39.41 4.59
N PHE C 141 -4.75 38.47 3.93
CA PHE C 141 -4.46 38.62 2.52
C PHE C 141 -5.74 38.70 1.70
N VAL C 142 -6.73 37.85 2.01
CA VAL C 142 -8.00 37.86 1.30
C VAL C 142 -8.72 39.20 1.51
N ALA C 143 -8.79 39.66 2.76
CA ALA C 143 -9.50 40.90 3.03
C ALA C 143 -8.84 42.08 2.32
N LEU C 144 -7.51 42.05 2.22
CA LEU C 144 -6.78 43.11 1.54
C LEU C 144 -7.03 43.08 0.05
N ASN C 145 -6.95 41.89 -0.57
CA ASN C 145 -7.28 41.78 -1.99
C ASN C 145 -8.71 42.24 -2.25
N ALA C 146 -9.62 42.02 -1.30
CA ALA C 146 -11.00 42.44 -1.50
C ALA C 146 -11.13 43.95 -1.48
N LEU C 147 -10.49 44.60 -0.50
CA LEU C 147 -10.49 46.06 -0.49
C LEU C 147 -9.89 46.61 -1.78
N ILE C 148 -8.84 45.96 -2.29
CA ILE C 148 -8.23 46.37 -3.55
C ILE C 148 -9.22 46.23 -4.69
N MET C 149 -9.89 45.07 -4.74
CA MET C 149 -10.90 44.83 -5.76
C MET C 149 -11.93 45.95 -5.77
N ARG C 150 -12.45 46.30 -4.59
CA ARG C 150 -13.48 47.31 -4.55
C ARG C 150 -12.95 48.67 -4.96
N LEU C 151 -11.74 49.01 -4.51
CA LEU C 151 -11.13 50.27 -4.91
C LEU C 151 -10.96 50.36 -6.43
N TYR C 152 -10.51 49.27 -7.05
CA TYR C 152 -10.36 49.23 -8.50
C TYR C 152 -11.70 49.49 -9.20
N MET C 153 -12.75 48.78 -8.78
CA MET C 153 -14.07 48.97 -9.40
C MET C 153 -14.55 50.40 -9.25
N ASN C 154 -14.52 50.93 -8.02
CA ASN C 154 -15.09 52.26 -7.77
C ASN C 154 -14.28 53.35 -8.48
N THR C 155 -12.95 53.27 -8.43
CA THR C 155 -12.14 54.27 -9.09
C THR C 155 -12.37 54.27 -10.59
N TYR C 156 -12.41 53.08 -11.20
CA TYR C 156 -12.42 52.98 -12.65
C TYR C 156 -13.79 52.65 -13.22
N GLY C 157 -14.82 52.52 -12.40
CA GLY C 157 -16.16 52.29 -12.91
C GLY C 157 -16.44 50.89 -13.40
N TYR C 158 -15.87 49.87 -12.76
CA TYR C 158 -16.13 48.49 -13.14
C TYR C 158 -17.12 47.86 -12.16
N LYS C 159 -17.53 46.62 -12.47
CA LYS C 159 -18.46 45.88 -11.63
C LYS C 159 -17.95 44.45 -11.51
N GLU C 160 -18.49 43.73 -10.51
CA GLU C 160 -18.03 42.36 -10.27
C GLU C 160 -18.16 41.51 -11.51
N GLU C 161 -19.23 41.74 -12.28
CA GLU C 161 -19.47 41.00 -13.50
C GLU C 161 -18.34 41.18 -14.50
N ASP C 162 -17.71 42.36 -14.52
CA ASP C 162 -16.60 42.60 -15.44
C ASP C 162 -15.38 41.77 -15.06
N LEU C 163 -15.10 41.64 -13.78
CA LEU C 163 -13.90 40.93 -13.33
C LEU C 163 -14.10 39.42 -13.28
N ALA C 164 -15.34 38.94 -13.19
CA ALA C 164 -15.58 37.50 -13.27
C ALA C 164 -15.15 36.92 -14.62
N LEU C 165 -15.01 37.78 -15.62
CA LEU C 165 -14.55 37.35 -16.94
C LEU C 165 -13.17 36.71 -16.87
N PHE C 166 -12.33 37.18 -15.95
CA PHE C 166 -11.02 36.56 -15.76
C PHE C 166 -11.18 35.09 -15.33
N ALA C 167 -12.11 34.82 -14.42
CA ALA C 167 -12.31 33.45 -13.97
C ALA C 167 -12.89 32.58 -15.06
N VAL C 168 -13.82 33.12 -15.87
CA VAL C 168 -14.39 32.27 -16.90
C VAL C 168 -13.35 31.95 -17.97
N ASN C 169 -12.47 32.91 -18.29
CA ASN C 169 -11.38 32.61 -19.21
C ASN C 169 -10.44 31.57 -18.64
N ALA C 170 -10.08 31.72 -17.36
CA ALA C 170 -9.20 30.74 -16.73
C ALA C 170 -9.78 29.34 -16.86
N HIS C 171 -11.04 29.17 -16.49
CA HIS C 171 -11.64 27.83 -16.51
C HIS C 171 -11.83 27.31 -17.93
N ALA C 172 -12.15 28.18 -18.88
CA ALA C 172 -12.19 27.78 -20.27
C ALA C 172 -10.86 27.19 -20.71
N ASN C 173 -9.78 27.95 -20.55
CA ASN C 173 -8.48 27.46 -21.01
C ASN C 173 -8.00 26.26 -20.19
N GLY C 174 -8.41 26.14 -18.94
CA GLY C 174 -7.98 25.01 -18.13
C GLY C 174 -8.73 23.74 -18.44
N ALA C 175 -9.97 23.86 -18.92
CA ALA C 175 -10.75 22.69 -19.31
C ALA C 175 -10.08 21.89 -20.42
N LYS C 176 -9.23 22.54 -21.22
CA LYS C 176 -8.39 21.86 -22.20
C LYS C 176 -7.04 21.46 -21.63
N ASN C 177 -6.77 21.72 -20.34
CA ASN C 177 -5.50 21.37 -19.75
C ASN C 177 -5.66 20.07 -18.98
N PRO C 178 -5.01 18.98 -19.42
CA PRO C 178 -5.05 17.75 -18.62
C PRO C 178 -4.43 17.89 -17.23
N TYR C 179 -3.56 18.88 -17.02
CA TYR C 179 -2.91 19.06 -15.72
C TYR C 179 -3.63 20.04 -14.81
N ALA C 180 -4.69 20.69 -15.28
CA ALA C 180 -5.38 21.68 -14.48
C ALA C 180 -6.20 21.01 -13.39
N MET C 181 -6.56 21.80 -12.37
CA MET C 181 -7.35 21.30 -11.26
C MET C 181 -8.84 21.49 -11.49
N PHE C 182 -9.22 22.52 -12.24
CA PHE C 182 -10.61 22.81 -12.59
C PHE C 182 -10.72 22.68 -14.11
N LYS C 183 -11.37 21.61 -14.58
CA LYS C 183 -11.41 21.27 -16.00
C LYS C 183 -12.83 21.34 -16.58
N LYS C 184 -13.67 22.22 -16.04
CA LYS C 184 -14.97 22.46 -16.64
C LYS C 184 -15.18 23.96 -16.91
N PRO C 185 -15.73 24.33 -18.05
CA PRO C 185 -16.04 25.74 -18.31
C PRO C 185 -17.11 26.25 -17.35
N ILE C 186 -17.11 27.57 -17.16
CA ILE C 186 -18.08 28.23 -16.30
C ILE C 186 -18.52 29.52 -16.98
N THR C 187 -19.55 30.14 -16.40
CA THR C 187 -20.12 31.38 -16.91
C THR C 187 -20.10 32.43 -15.83
N VAL C 188 -20.42 33.66 -16.22
CA VAL C 188 -20.47 34.77 -15.26
C VAL C 188 -21.51 34.49 -14.17
N GLU C 189 -22.66 33.92 -14.56
CA GLU C 189 -23.70 33.61 -13.58
C GLU C 189 -23.18 32.66 -12.51
N THR C 190 -22.32 31.72 -12.89
CA THR C 190 -21.72 30.80 -11.93
C THR C 190 -20.89 31.56 -10.88
N VAL C 191 -20.09 32.53 -11.34
CA VAL C 191 -19.26 33.30 -10.42
C VAL C 191 -20.12 34.15 -9.51
N MET C 192 -21.04 34.94 -10.10
CA MET C 192 -21.83 35.85 -9.28
C MET C 192 -22.81 35.12 -8.37
N LYS C 193 -23.04 33.83 -8.59
CA LYS C 193 -23.85 33.06 -7.66
C LYS C 193 -23.02 32.44 -6.54
N SER C 194 -21.70 32.54 -6.58
CA SER C 194 -20.86 31.83 -5.62
C SER C 194 -20.89 32.53 -4.26
N PRO C 195 -20.54 31.81 -3.20
CA PRO C 195 -20.50 32.43 -1.87
C PRO C 195 -19.45 33.53 -1.79
N TYR C 196 -19.78 34.57 -1.04
CA TYR C 196 -18.79 35.59 -0.72
C TYR C 196 -17.89 35.06 0.40
N ILE C 197 -16.60 35.35 0.29
CA ILE C 197 -15.67 35.15 1.37
C ILE C 197 -15.22 36.50 1.96
N ALA C 198 -15.05 37.51 1.11
CA ALA C 198 -15.10 38.93 1.45
C ALA C 198 -16.15 39.59 0.56
N ASP C 199 -16.41 40.89 0.74
CA ASP C 199 -17.66 41.36 0.11
C ASP C 199 -17.61 41.63 -1.40
N PRO C 200 -16.52 42.14 -1.96
CA PRO C 200 -16.48 42.18 -3.43
C PRO C 200 -16.09 40.82 -4.00
N LEU C 201 -15.33 40.09 -3.21
CA LEU C 201 -14.57 38.94 -3.67
C LEU C 201 -15.27 37.64 -3.27
N LYS C 202 -15.41 36.72 -4.22
CA LYS C 202 -16.16 35.49 -3.99
C LYS C 202 -15.25 34.29 -4.21
N LEU C 203 -15.82 33.09 -4.02
CA LEU C 203 -15.05 31.85 -4.15
C LEU C 203 -14.37 31.74 -5.51
N PHE C 204 -15.17 31.85 -6.58
CA PHE C 204 -14.63 31.70 -7.92
C PHE C 204 -13.77 32.88 -8.34
N ASP C 205 -13.79 33.96 -7.58
CA ASP C 205 -12.90 35.07 -7.82
C ASP C 205 -11.48 34.80 -7.33
N ALA C 206 -11.27 33.72 -6.57
CA ALA C 206 -10.02 33.40 -5.91
C ALA C 206 -9.47 32.06 -6.38
N SER C 207 -8.16 32.00 -6.59
CA SER C 207 -7.55 30.78 -7.11
C SER C 207 -7.50 29.70 -6.04
N PRO C 208 -7.69 28.43 -6.41
CA PRO C 208 -7.65 27.35 -5.41
C PRO C 208 -6.24 27.15 -4.90
N VAL C 209 -6.15 26.66 -3.67
CA VAL C 209 -4.88 26.24 -3.10
C VAL C 209 -4.79 24.72 -3.26
N CYS C 210 -3.62 24.24 -3.66
CA CYS C 210 -3.52 22.85 -4.10
C CYS C 210 -2.08 22.38 -3.97
N ASP C 211 -1.85 21.15 -4.40
CA ASP C 211 -0.54 20.53 -4.49
C ASP C 211 -0.08 20.43 -5.95
N GLY C 212 1.23 20.36 -6.11
CA GLY C 212 1.80 20.28 -7.44
C GLY C 212 3.30 20.47 -7.46
N ALA C 213 3.93 19.91 -8.48
CA ALA C 213 5.36 20.07 -8.69
C ALA C 213 5.59 20.36 -10.16
N ALA C 214 6.70 21.04 -10.44
CA ALA C 214 7.05 21.41 -11.81
C ALA C 214 8.56 21.57 -11.87
N ALA C 215 9.14 21.18 -13.01
CA ALA C 215 10.58 21.18 -13.15
C ALA C 215 10.99 21.70 -14.54
N VAL C 216 12.13 22.36 -14.56
CA VAL C 216 12.69 23.01 -15.73
C VAL C 216 14.18 22.68 -15.77
N ILE C 217 14.68 22.36 -16.96
CA ILE C 217 16.08 22.04 -17.16
C ILE C 217 16.67 23.08 -18.09
N ILE C 218 17.65 23.82 -17.57
CA ILE C 218 18.29 24.94 -18.24
C ILE C 218 19.73 24.55 -18.58
N THR C 219 20.27 25.20 -19.60
CA THR C 219 21.61 24.96 -20.12
C THR C 219 21.93 26.07 -21.12
N THR C 220 23.10 25.94 -21.75
CA THR C 220 23.57 26.86 -22.78
C THR C 220 23.61 26.13 -24.13
N PRO C 221 23.40 26.82 -25.25
CA PRO C 221 23.35 26.10 -26.54
C PRO C 221 24.63 25.35 -26.90
N GLU C 222 25.80 25.88 -26.53
CA GLU C 222 27.04 25.12 -26.74
C GLU C 222 26.97 23.76 -26.06
N LYS C 223 26.38 23.71 -24.86
CA LYS C 223 26.24 22.44 -24.14
C LYS C 223 25.17 21.56 -24.76
N ALA C 224 24.04 22.14 -25.17
CA ALA C 224 22.94 21.35 -25.71
C ALA C 224 23.28 20.76 -27.07
N LYS C 225 24.16 21.43 -27.82
CA LYS C 225 24.68 20.84 -29.06
C LYS C 225 25.46 19.57 -28.78
N GLU C 226 26.21 19.54 -27.67
CA GLU C 226 27.02 18.37 -27.34
C GLU C 226 26.21 17.27 -26.69
N LEU C 227 25.31 17.62 -25.77
CA LEU C 227 24.35 16.66 -25.24
C LEU C 227 23.39 16.16 -26.32
N GLY C 228 23.30 16.86 -27.46
CA GLY C 228 22.50 16.38 -28.56
C GLY C 228 21.02 16.55 -28.28
N ILE C 229 20.64 17.77 -27.92
CA ILE C 229 19.25 18.12 -27.68
C ILE C 229 18.65 18.61 -29.00
N PRO C 230 17.61 17.98 -29.52
CA PRO C 230 16.93 18.53 -30.70
C PRO C 230 16.57 20.00 -30.48
N LYS C 231 16.98 20.85 -31.42
CA LYS C 231 16.76 22.28 -31.29
C LYS C 231 15.29 22.67 -31.37
N ASP C 232 14.40 21.76 -31.77
CA ASP C 232 12.97 22.02 -31.67
C ASP C 232 12.51 22.21 -30.23
N LYS C 233 13.30 21.78 -29.26
CA LYS C 233 12.94 21.82 -27.85
C LYS C 233 13.76 22.86 -27.08
N TRP C 234 14.15 23.94 -27.77
CA TRP C 234 14.97 25.00 -27.20
C TRP C 234 14.17 26.28 -27.13
N ILE C 235 13.81 26.70 -25.91
CA ILE C 235 13.26 28.03 -25.67
C ILE C 235 14.27 28.80 -24.84
N GLU C 236 14.59 30.01 -25.29
CA GLU C 236 15.59 30.82 -24.62
C GLU C 236 14.93 31.67 -23.54
N ILE C 237 15.60 31.74 -22.40
CA ILE C 237 15.28 32.73 -21.36
C ILE C 237 15.82 34.06 -21.86
N ALA C 238 14.95 34.87 -22.48
CA ALA C 238 15.39 36.10 -23.14
C ALA C 238 15.57 37.25 -22.14
N GLY C 239 14.56 37.49 -21.31
CA GLY C 239 14.59 38.59 -20.35
C GLY C 239 14.28 38.11 -18.94
N MET C 240 14.96 38.70 -17.96
CA MET C 240 14.68 38.40 -16.56
C MET C 240 14.65 39.70 -15.78
N GLY C 241 13.64 39.86 -14.93
CA GLY C 241 13.50 41.04 -14.11
C GLY C 241 12.91 40.68 -12.75
N ARG C 242 13.36 41.38 -11.72
CA ARG C 242 12.89 41.11 -10.36
C ARG C 242 13.02 42.39 -9.57
N ALA C 243 12.01 42.70 -8.77
CA ALA C 243 12.05 43.93 -7.98
C ALA C 243 11.28 43.74 -6.70
N ILE C 244 11.57 44.60 -5.72
CA ILE C 244 10.89 44.56 -4.43
C ILE C 244 10.19 45.88 -4.20
N ASP C 245 9.20 45.84 -3.31
CA ASP C 245 8.49 47.03 -2.84
C ASP C 245 8.36 46.90 -1.33
N THR C 246 8.08 48.03 -0.67
CA THR C 246 8.03 48.03 0.78
C THR C 246 6.91 47.11 1.26
N ILE C 247 7.19 46.36 2.34
CA ILE C 247 6.18 45.54 2.98
C ILE C 247 5.17 46.42 3.71
N ASN C 248 5.59 47.57 4.22
CA ASN C 248 4.64 48.47 4.89
C ASN C 248 3.71 49.03 3.83
N LEU C 249 2.51 48.45 3.74
CA LEU C 249 1.59 48.82 2.65
C LEU C 249 1.30 50.32 2.67
N ALA C 250 1.42 50.94 3.84
CA ALA C 250 1.25 52.39 3.95
C ALA C 250 2.27 53.13 3.09
N ASN C 251 3.51 52.70 3.14
CA ASN C 251 4.57 53.46 2.44
C ASN C 251 4.48 53.35 0.93
N ARG C 252 3.42 52.81 0.35
CA ARG C 252 3.36 52.59 -1.09
C ARG C 252 2.82 53.82 -1.82
N GLU C 253 3.20 53.95 -3.09
CA GLU C 253 2.74 55.07 -3.91
C GLU C 253 1.23 55.03 -4.13
N ASP C 254 0.71 53.87 -4.51
CA ASP C 254 -0.72 53.68 -4.72
C ASP C 254 -1.05 52.20 -4.57
N PHE C 255 -2.29 51.92 -4.13
CA PHE C 255 -2.75 50.54 -4.02
C PHE C 255 -3.21 49.96 -5.33
N LEU C 256 -3.46 50.78 -6.35
CA LEU C 256 -3.91 50.30 -7.65
C LEU C 256 -2.81 50.29 -8.70
N THR C 257 -1.55 50.34 -8.26
CA THR C 257 -0.40 50.21 -9.15
C THR C 257 0.62 49.31 -8.47
N LEU C 258 0.96 48.19 -9.10
CA LEU C 258 2.03 47.32 -8.62
C LEU C 258 3.36 47.85 -9.13
N LYS C 259 4.10 48.56 -8.27
CA LYS C 259 5.37 49.14 -8.67
C LYS C 259 6.37 48.07 -9.09
N ALA C 260 6.52 47.03 -8.26
CA ALA C 260 7.54 46.03 -8.50
C ALA C 260 7.31 45.28 -9.81
N ALA C 261 6.06 45.07 -10.20
CA ALA C 261 5.80 44.48 -11.52
C ALA C 261 6.36 45.36 -12.61
N THR C 262 6.12 46.68 -12.51
CA THR C 262 6.59 47.61 -13.53
C THR C 262 8.12 47.65 -13.62
N ILE C 263 8.83 47.79 -12.47
CA ILE C 263 10.30 47.81 -12.56
C ILE C 263 10.82 46.49 -13.11
N ALA C 264 10.33 45.36 -12.58
CA ALA C 264 10.83 44.07 -13.03
C ALA C 264 10.58 43.87 -14.52
N ALA C 265 9.37 44.22 -14.96
CA ALA C 265 9.00 44.06 -16.37
C ALA C 265 9.87 44.95 -17.26
N GLU C 266 10.11 46.19 -16.85
CA GLU C 266 10.98 47.05 -17.65
C GLU C 266 12.38 46.47 -17.77
N ARG C 267 12.92 45.98 -16.65
CA ARG C 267 14.24 45.36 -16.67
C ARG C 267 14.27 44.21 -17.67
N ALA C 268 13.29 43.31 -17.58
CA ALA C 268 13.30 42.13 -18.44
C ALA C 268 13.10 42.51 -19.91
N TYR C 269 12.15 43.41 -20.18
CA TYR C 269 11.89 43.88 -21.53
C TYR C 269 13.17 44.37 -22.17
N LYS C 270 13.88 45.25 -21.45
CA LYS C 270 15.12 45.79 -21.98
C LYS C 270 16.15 44.69 -22.18
N MET C 271 16.21 43.72 -21.26
CA MET C 271 17.26 42.71 -21.37
C MET C 271 17.02 41.83 -22.59
N ALA C 272 15.77 41.69 -23.01
CA ALA C 272 15.47 40.88 -24.19
C ALA C 272 15.43 41.69 -25.48
N GLY C 273 15.33 43.01 -25.42
CA GLY C 273 15.20 43.82 -26.62
C GLY C 273 13.78 43.94 -27.14
N VAL C 274 12.78 43.68 -26.31
CA VAL C 274 11.39 43.69 -26.75
C VAL C 274 10.64 44.83 -26.05
N LYS C 275 9.39 45.01 -26.45
CA LYS C 275 8.44 45.96 -25.89
C LYS C 275 7.14 45.23 -25.62
N PRO C 276 6.24 45.81 -24.82
CA PRO C 276 5.00 45.08 -24.48
C PRO C 276 4.18 44.68 -25.68
N GLU C 277 4.27 45.39 -26.80
CA GLU C 277 3.48 45.02 -27.95
C GLU C 277 4.02 43.80 -28.72
N ASP C 278 5.26 43.37 -28.48
CA ASP C 278 5.92 42.36 -29.31
C ASP C 278 5.69 40.94 -28.83
N VAL C 279 5.13 40.79 -27.62
CA VAL C 279 4.95 39.53 -26.91
C VAL C 279 3.54 38.96 -27.11
N ASP C 280 3.50 37.67 -27.46
CA ASP C 280 2.25 37.07 -27.93
C ASP C 280 1.39 36.49 -26.81
N PHE C 281 1.94 36.26 -25.61
CA PHE C 281 1.14 35.78 -24.48
C PHE C 281 1.81 36.12 -23.15
N PHE C 282 0.95 36.44 -22.16
CA PHE C 282 1.32 36.84 -20.79
C PHE C 282 0.67 35.88 -19.79
N GLU C 283 1.48 35.18 -19.02
CA GLU C 283 0.99 34.40 -17.89
C GLU C 283 1.10 35.27 -16.64
N VAL C 284 0.03 36.03 -16.38
CA VAL C 284 -0.06 36.94 -15.24
C VAL C 284 -0.28 36.13 -13.97
N HIS C 285 -0.19 36.78 -12.80
CA HIS C 285 -0.34 36.05 -11.54
C HIS C 285 -1.79 35.61 -11.31
N ASP C 286 -2.75 36.52 -11.52
CA ASP C 286 -4.19 36.28 -11.41
C ASP C 286 -4.59 35.40 -10.23
N ALA C 287 -3.91 35.52 -9.09
CA ALA C 287 -4.33 34.79 -7.90
C ALA C 287 -5.70 35.26 -7.44
N PHE C 288 -6.10 36.45 -7.87
CA PHE C 288 -7.45 36.98 -7.75
C PHE C 288 -7.71 37.71 -9.06
N THR C 289 -8.98 37.86 -9.44
CA THR C 289 -9.25 38.47 -10.73
C THR C 289 -8.72 39.90 -10.82
N VAL C 290 -8.85 40.65 -9.72
CA VAL C 290 -8.27 42.00 -9.69
C VAL C 290 -6.77 41.92 -9.93
N MET C 291 -6.12 40.84 -9.47
CA MET C 291 -4.69 40.68 -9.71
C MET C 291 -4.38 40.58 -11.19
N ALA C 292 -5.20 39.83 -11.93
CA ALA C 292 -5.00 39.75 -13.38
C ALA C 292 -5.14 41.11 -14.02
N ALA C 293 -6.21 41.85 -13.67
CA ALA C 293 -6.39 43.18 -14.25
C ALA C 293 -5.18 44.07 -13.95
N LEU C 294 -4.77 44.13 -12.68
CA LEU C 294 -3.67 45.02 -12.30
C LEU C 294 -2.36 44.59 -12.95
N SER C 295 -2.08 43.29 -12.99
CA SER C 295 -0.86 42.81 -13.62
C SER C 295 -0.81 43.22 -15.08
N LEU C 296 -1.93 43.07 -15.80
CA LEU C 296 -1.97 43.51 -17.19
C LEU C 296 -1.68 45.01 -17.27
N GLU C 297 -2.25 45.80 -16.35
CA GLU C 297 -1.99 47.24 -16.35
C GLU C 297 -0.52 47.55 -16.11
N ALA C 298 0.16 46.76 -15.27
CA ALA C 298 1.51 47.07 -14.82
C ALA C 298 2.59 46.44 -15.68
N LEU C 299 2.25 45.46 -16.50
CA LEU C 299 3.18 44.85 -17.43
C LEU C 299 3.22 45.58 -18.76
N GLY C 300 2.47 46.68 -18.89
CA GLY C 300 2.57 47.55 -20.03
C GLY C 300 1.66 47.23 -21.19
N VAL C 301 0.69 46.33 -21.02
CA VAL C 301 -0.21 45.96 -22.10
C VAL C 301 -1.55 46.66 -22.01
N ALA C 302 -1.82 47.37 -20.92
CA ALA C 302 -3.04 48.13 -20.77
C ALA C 302 -2.72 49.44 -20.08
N LYS C 303 -3.51 50.45 -20.41
CA LYS C 303 -3.42 51.76 -19.76
C LYS C 303 -3.95 51.66 -18.34
N LYS C 304 -3.50 52.57 -17.49
CA LYS C 304 -4.01 52.61 -16.12
C LYS C 304 -5.53 52.77 -16.15
N GLY C 305 -6.23 51.93 -15.40
CA GLY C 305 -7.68 51.98 -15.34
C GLY C 305 -8.41 51.15 -16.36
N GLU C 306 -7.73 50.60 -17.37
CA GLU C 306 -8.39 49.86 -18.43
C GLU C 306 -7.95 48.40 -18.46
N GLY C 307 -7.51 47.87 -17.32
CA GLY C 307 -7.00 46.50 -17.29
C GLY C 307 -8.05 45.44 -17.53
N ALA C 308 -9.23 45.59 -16.94
CA ALA C 308 -10.27 44.60 -17.11
C ALA C 308 -11.10 44.81 -18.37
N LYS C 309 -11.03 45.99 -18.99
CA LYS C 309 -11.68 46.16 -20.29
C LYS C 309 -11.15 45.15 -21.29
N LEU C 310 -9.87 44.75 -21.14
CA LEU C 310 -9.31 43.68 -21.96
C LEU C 310 -10.09 42.37 -21.79
N ALA C 311 -10.66 42.15 -20.61
CA ALA C 311 -11.54 41.00 -20.41
C ALA C 311 -12.95 41.25 -20.95
N ILE C 312 -13.45 42.49 -20.81
CA ILE C 312 -14.76 42.84 -21.36
C ILE C 312 -14.72 42.80 -22.88
N GLU C 313 -13.70 43.41 -23.48
CA GLU C 313 -13.51 43.39 -24.93
C GLU C 313 -12.95 42.06 -25.44
N GLY C 314 -12.74 41.09 -24.56
CA GLY C 314 -12.41 39.74 -24.98
C GLY C 314 -10.98 39.51 -25.45
N GLN C 315 -10.06 40.44 -25.21
CA GLN C 315 -8.73 40.35 -25.78
C GLN C 315 -7.79 39.45 -24.98
N ILE C 316 -8.33 38.65 -24.05
CA ILE C 316 -7.52 37.86 -23.14
C ILE C 316 -7.65 36.36 -23.37
N ALA C 317 -8.36 35.94 -24.41
CA ALA C 317 -8.43 34.54 -24.81
C ALA C 317 -7.31 34.21 -25.80
N ILE C 318 -7.18 32.92 -26.13
CA ILE C 318 -6.05 32.45 -26.94
C ILE C 318 -5.99 33.20 -28.27
N ASP C 319 -7.13 33.28 -28.96
CA ASP C 319 -7.26 34.03 -30.19
C ASP C 319 -7.52 35.49 -29.81
N GLY C 320 -6.47 36.15 -29.34
CA GLY C 320 -6.62 37.51 -28.86
C GLY C 320 -5.30 38.24 -28.91
N ASP C 321 -5.38 39.56 -28.76
CA ASP C 321 -4.18 40.37 -28.84
C ASP C 321 -3.33 40.23 -27.59
N TYR C 322 -3.95 40.00 -26.42
CA TYR C 322 -3.23 39.89 -25.15
C TYR C 322 -3.72 38.63 -24.41
N PRO C 323 -3.40 37.44 -24.93
CA PRO C 323 -3.87 36.21 -24.28
C PRO C 323 -3.23 36.02 -22.91
N ILE C 324 -4.06 35.64 -21.93
CA ILE C 324 -3.61 35.35 -20.58
C ILE C 324 -4.25 34.04 -20.10
N GLN C 325 -3.66 33.49 -19.03
CA GLN C 325 -4.16 32.26 -18.40
C GLN C 325 -4.20 31.12 -19.42
N THR C 326 -3.13 31.03 -20.22
CA THR C 326 -3.18 30.22 -21.43
C THR C 326 -3.64 28.79 -21.15
N MET C 327 -3.26 28.24 -20.00
CA MET C 327 -3.55 26.86 -19.71
C MET C 327 -4.39 26.72 -18.44
N GLY C 328 -5.15 27.77 -18.11
CA GLY C 328 -5.98 27.82 -16.93
C GLY C 328 -5.55 28.83 -15.88
N GLY C 329 -4.35 29.40 -15.99
CA GLY C 329 -3.92 30.43 -15.04
C GLY C 329 -3.88 29.86 -13.63
N LEU C 330 -3.82 30.77 -12.66
CA LEU C 330 -3.84 30.30 -11.29
C LEU C 330 -5.25 29.94 -10.84
N LYS C 331 -6.27 30.54 -11.45
CA LYS C 331 -7.64 30.30 -11.02
C LYS C 331 -8.14 28.91 -11.43
N ALA C 332 -7.62 28.34 -12.53
CA ALA C 332 -8.11 27.05 -12.96
C ALA C 332 -7.06 25.95 -13.00
N ARG C 333 -5.86 26.24 -13.51
CA ARG C 333 -4.78 25.27 -13.35
C ARG C 333 -4.46 25.07 -11.88
N GLY C 334 -4.40 26.14 -11.11
CA GLY C 334 -4.21 26.04 -9.68
C GLY C 334 -3.03 26.85 -9.21
N HIS C 335 -2.89 26.91 -7.90
CA HIS C 335 -1.94 27.80 -7.23
C HIS C 335 -1.12 27.02 -6.21
N PRO C 336 -0.25 26.11 -6.68
CA PRO C 336 0.72 25.51 -5.74
C PRO C 336 1.84 26.51 -5.51
N VAL C 337 1.82 27.18 -4.35
CA VAL C 337 2.35 28.54 -4.26
C VAL C 337 3.82 28.59 -4.67
N GLY C 338 4.65 27.74 -4.05
CA GLY C 338 6.04 27.69 -4.41
C GLY C 338 6.29 27.20 -5.83
N ALA C 339 5.28 26.61 -6.47
CA ALA C 339 5.44 25.97 -7.76
C ALA C 339 4.85 26.76 -8.93
N THR C 340 3.99 27.77 -8.66
CA THR C 340 3.30 28.44 -9.76
C THR C 340 4.27 29.10 -10.73
N GLY C 341 5.38 29.66 -10.24
CA GLY C 341 6.33 30.29 -11.15
C GLY C 341 6.94 29.29 -12.12
N VAL C 342 7.31 28.11 -11.63
CA VAL C 342 7.86 27.08 -12.51
C VAL C 342 6.77 26.54 -13.43
N TYR C 343 5.54 26.42 -12.91
CA TYR C 343 4.41 26.02 -13.74
C TYR C 343 4.15 27.01 -14.86
N GLN C 344 4.22 28.31 -14.54
CA GLN C 344 4.04 29.35 -15.54
C GLN C 344 5.09 29.25 -16.62
N VAL C 345 6.35 29.06 -16.22
CA VAL C 345 7.43 28.97 -17.21
C VAL C 345 7.29 27.71 -18.06
N VAL C 346 6.85 26.60 -17.44
CA VAL C 346 6.55 25.38 -18.18
C VAL C 346 5.45 25.60 -19.23
N GLU C 347 4.34 26.22 -18.82
CA GLU C 347 3.26 26.49 -19.77
C GLU C 347 3.73 27.40 -20.89
N ALA C 348 4.59 28.38 -20.54
CA ALA C 348 5.10 29.30 -21.55
C ALA C 348 5.95 28.57 -22.58
N VAL C 349 6.87 27.72 -22.13
CA VAL C 349 7.71 27.03 -23.11
C VAL C 349 6.90 26.03 -23.91
N LEU C 350 5.87 25.43 -23.31
CA LEU C 350 4.98 24.57 -24.09
C LEU C 350 4.23 25.37 -25.15
N GLN C 351 3.72 26.55 -24.79
CA GLN C 351 3.04 27.40 -25.74
C GLN C 351 3.97 27.91 -26.82
N LEU C 352 5.27 27.95 -26.55
CA LEU C 352 6.23 28.40 -27.53
C LEU C 352 6.81 27.27 -28.36
N ARG C 353 6.69 26.02 -27.90
CA ARG C 353 7.22 24.88 -28.62
C ARG C 353 6.26 24.33 -29.66
N GLY C 354 5.03 24.84 -29.71
CA GLY C 354 4.00 24.13 -30.44
C GLY C 354 3.63 22.81 -29.80
N GLU C 355 3.95 22.63 -28.52
CA GLU C 355 3.68 21.42 -27.77
C GLU C 355 2.54 21.59 -26.78
N ALA C 356 1.71 22.63 -26.96
CA ALA C 356 0.63 22.92 -26.03
C ALA C 356 -0.58 22.01 -26.24
N PRO C 357 -1.32 21.73 -25.18
CA PRO C 357 -2.54 20.91 -25.30
C PRO C 357 -3.52 21.47 -26.32
N ASP C 358 -4.34 20.59 -26.85
CA ASP C 358 -5.25 20.96 -27.94
C ASP C 358 -6.32 21.94 -27.46
N GLY C 359 -6.55 23.00 -28.24
CA GLY C 359 -7.48 24.05 -27.89
C GLY C 359 -6.89 25.22 -27.13
N ILE C 360 -5.73 25.05 -26.53
CA ILE C 360 -5.02 26.16 -25.88
C ILE C 360 -3.62 26.20 -26.50
N GLN C 361 -3.48 26.93 -27.59
CA GLN C 361 -2.18 27.11 -28.24
C GLN C 361 -2.25 28.49 -28.89
N VAL C 362 -1.51 29.44 -28.34
CA VAL C 362 -1.52 30.79 -28.89
C VAL C 362 -0.95 30.72 -30.30
N PRO C 363 -1.73 31.05 -31.32
CA PRO C 363 -1.25 30.94 -32.70
C PRO C 363 0.01 31.76 -32.95
N ASP C 364 1.02 31.09 -33.51
CA ASP C 364 2.27 31.73 -33.93
C ASP C 364 2.93 32.49 -32.80
N ALA C 365 3.09 31.82 -31.66
CA ALA C 365 3.70 32.42 -30.48
C ALA C 365 5.22 32.46 -30.63
N GLU C 366 5.79 33.65 -30.59
CA GLU C 366 7.24 33.83 -30.69
C GLU C 366 7.89 34.25 -29.38
N VAL C 367 7.17 34.99 -28.53
CA VAL C 367 7.73 35.43 -27.27
C VAL C 367 6.60 35.57 -26.24
N GLY C 368 6.90 35.18 -25.00
CA GLY C 368 5.93 35.20 -23.94
C GLY C 368 6.54 35.74 -22.65
N LEU C 369 5.66 35.99 -21.68
CA LEU C 369 6.06 36.58 -20.42
C LEU C 369 5.37 35.83 -19.27
N THR C 370 6.09 35.61 -18.18
CA THR C 370 5.56 35.04 -16.96
C THR C 370 5.73 36.03 -15.81
N GLN C 371 4.75 36.06 -14.90
CA GLN C 371 4.81 36.97 -13.77
C GLN C 371 4.41 36.24 -12.50
N ASN C 372 5.32 36.20 -11.53
CA ASN C 372 5.08 35.59 -10.22
C ASN C 372 5.19 36.68 -9.15
N ILE C 373 4.12 36.83 -8.35
CA ILE C 373 4.03 37.85 -7.31
C ILE C 373 4.15 37.19 -5.94
N GLY C 374 5.01 37.77 -5.09
CA GLY C 374 5.16 37.33 -3.72
C GLY C 374 4.76 38.45 -2.77
N GLY C 375 4.01 38.07 -1.73
CA GLY C 375 3.55 39.03 -0.74
C GLY C 375 2.43 39.90 -1.29
N THR C 376 2.39 41.14 -0.80
CA THR C 376 1.42 42.12 -1.25
C THR C 376 1.90 42.89 -2.46
N GLY C 377 2.85 42.33 -3.20
CA GLY C 377 3.48 43.05 -4.30
C GLY C 377 4.90 43.34 -3.88
N SER C 378 5.28 42.72 -2.77
CA SER C 378 6.56 42.98 -2.12
C SER C 378 7.74 42.46 -2.94
N ASN C 379 7.58 41.33 -3.65
CA ASN C 379 8.66 40.77 -4.45
C ASN C 379 8.07 40.21 -5.75
N ILE C 380 8.32 40.86 -6.88
CA ILE C 380 7.73 40.44 -8.14
C ILE C 380 8.82 40.06 -9.14
N THR C 381 8.69 38.86 -9.70
CA THR C 381 9.57 38.36 -10.76
C THR C 381 8.81 38.34 -12.07
N VAL C 382 9.46 38.81 -13.13
CA VAL C 382 8.93 38.83 -14.49
C VAL C 382 9.97 38.24 -15.43
N THR C 383 9.56 37.28 -16.26
CA THR C 383 10.49 36.63 -17.19
C THR C 383 9.88 36.60 -18.59
N VAL C 384 10.71 36.74 -19.62
CA VAL C 384 10.24 36.71 -21.00
C VAL C 384 11.10 35.73 -21.79
N LEU C 385 10.45 34.91 -22.61
CA LEU C 385 11.12 33.84 -23.34
C LEU C 385 10.71 33.86 -24.80
N ARG C 386 11.66 33.56 -25.70
CA ARG C 386 11.41 33.53 -27.13
C ARG C 386 12.06 32.27 -27.72
N ARG C 387 11.85 32.06 -29.01
CA ARG C 387 12.42 30.89 -29.70
C ARG C 387 13.68 31.28 -30.46
#